data_3WCW
#
_entry.id   3WCW
#
_cell.length_a   109.273
_cell.length_b   109.273
_cell.length_c   195.599
_cell.angle_alpha   90.00
_cell.angle_beta   90.00
_cell.angle_gamma   120.00
#
_symmetry.space_group_name_H-M   'P 63'
#
loop_
_entity.id
_entity.type
_entity.pdbx_description
1 polymer 'A1 globin chain of giant V2 hemoglobin'
2 polymer 'A2 globin chain of giant V2 hemoglobin'
3 polymer 'B2 globin chain of giant V2 hemoglobin'
4 polymer 'B1 globin chain of giant V2 hemoglobin'
5 branched alpha-D-mannopyranose-(1-3)-[alpha-D-mannopyranose-(1-6)]alpha-D-mannopyranose-(1-4)-2-acetamido-2-deoxy-beta-D-glucopyranose-(1-4)-[alpha-L-fucopyranose-(1-6)]2-acetamido-2-deoxy-beta-D-glucopyranose
6 non-polymer 'PROTOPORPHYRIN IX CONTAINING FE'
7 non-polymer 'OXYGEN MOLECULE'
8 non-polymer 'MAGNESIUM ION'
9 water water
#
loop_
_entity_poly.entity_id
_entity_poly.type
_entity_poly.pdbx_seq_one_letter_code
_entity_poly.pdbx_strand_id
1 'polypeptide(L)'
;DCNILQRLKVKMQWAKAYGFGTERAKFGNSLWTSIFNYAPDARDLFKSVKSEDMRSPQFKAHIARVIGGLDRVISMFDNE
DALNADLEHLKSQHDPRGLDALNFVVFGKALFATVGGQFGVCFDLPAWESCYKVIAMGITGNDMFS
;
A,E
2 'polypeptide(L)'
;SECGPLQRLKVKRQWAEAYGSGNGREEFGHFIWANVFKVAPSARDMFKRVRGDNIYTPAFRAHATRVLGGLDMCVALLDD
ESVLNTQLAHLASQHSSRGVSAEQYNVVEHAVMMGVEHEIGQNVFDKDAWQACLDVITSGIQGN
;
B,F
3 'polypeptide(L)'
;SSNSCTTEDRREMQLMWANVWSAQFTGRRLAIAQAVFKDLFAHVPDAVGLFDRVHGTEIDSSEFKAHCIRVVNGLDSAIG
LLSDPSTLNEQLSHLATQHQERAGVTKGGFSAIAQSFLRVMPQVASCFNPDAWSRCFNRITNGMTEGLAE
;
C,G
4 'polypeptide(L)'
;SEFCSEADATIVIKQWNQIYNAGIGAKSRWTMGNEIFSSLFKLKPESEVLFNNVNVANMSSGAFHAHTVRVLSGLDMGIN
YLNDAGTLTSLTAHLAAQHVARTGLKAVYFDAMGKVLMTVLPSLIDNFNPDAWRNCLLPLKNAIAKGLP
;
D,H
#
# COMPACT_ATOMS: atom_id res chain seq x y z
N ASP A 1 -15.71 13.85 -11.46
CA ASP A 1 -14.88 14.66 -10.52
C ASP A 1 -13.49 14.88 -11.12
N CYS A 2 -12.46 14.50 -10.38
CA CYS A 2 -11.08 14.68 -10.83
C CYS A 2 -10.77 16.14 -11.14
N ASN A 3 -10.84 16.97 -10.10
CA ASN A 3 -10.54 18.39 -10.20
C ASN A 3 -9.03 18.53 -10.36
N ILE A 4 -8.56 19.74 -10.66
CA ILE A 4 -7.13 19.95 -10.88
C ILE A 4 -6.20 19.50 -9.76
N LEU A 5 -6.58 19.72 -8.51
CA LEU A 5 -5.73 19.31 -7.40
C LEU A 5 -5.61 17.78 -7.32
N GLN A 6 -6.69 17.07 -7.63
CA GLN A 6 -6.65 15.62 -7.60
C GLN A 6 -5.76 15.09 -8.74
N ARG A 7 -5.79 15.74 -9.90
CA ARG A 7 -4.95 15.31 -11.04
C ARG A 7 -3.46 15.42 -10.66
N LEU A 8 -3.11 16.51 -9.97
CA LEU A 8 -1.75 16.71 -9.53
C LEU A 8 -1.35 15.64 -8.50
N LYS A 9 -2.26 15.38 -7.57
CA LYS A 9 -2.02 14.38 -6.53
C LYS A 9 -1.78 13.04 -7.23
N VAL A 10 -2.65 12.72 -8.19
CA VAL A 10 -2.55 11.48 -8.96
C VAL A 10 -1.24 11.37 -9.77
N LYS A 11 -0.83 12.47 -10.43
CA LYS A 11 0.40 12.45 -11.21
C LYS A 11 1.59 12.12 -10.30
N MET A 12 1.60 12.74 -9.12
CA MET A 12 2.65 12.54 -8.14
C MET A 12 2.64 11.09 -7.58
N GLN A 13 1.51 10.63 -7.06
CA GLN A 13 1.47 9.29 -6.51
C GLN A 13 1.81 8.23 -7.58
N TRP A 14 1.36 8.45 -8.82
CA TRP A 14 1.64 7.54 -9.91
C TRP A 14 3.14 7.46 -10.21
N ALA A 15 3.79 8.61 -10.29
CA ALA A 15 5.22 8.67 -10.60
C ALA A 15 6.02 7.85 -9.58
N LYS A 16 5.70 8.02 -8.31
CA LYS A 16 6.40 7.32 -7.26
C LYS A 16 6.21 5.79 -7.35
N ALA A 17 4.97 5.35 -7.54
CA ALA A 17 4.65 3.91 -7.60
C ALA A 17 5.11 3.18 -8.86
N TYR A 18 5.05 3.88 -9.99
CA TYR A 18 5.45 3.36 -11.29
C TYR A 18 6.97 3.15 -11.35
N GLY A 19 7.70 4.08 -10.74
CA GLY A 19 9.15 4.00 -10.70
C GLY A 19 9.85 4.00 -12.03
N PHE A 20 11.08 3.51 -12.03
CA PHE A 20 11.91 3.46 -13.24
C PHE A 20 12.25 2.04 -13.67
N GLY A 21 13.23 1.94 -14.55
CA GLY A 21 13.70 0.67 -15.08
C GLY A 21 12.77 -0.51 -14.97
N THR A 22 13.28 -1.61 -14.45
CA THR A 22 12.52 -2.84 -14.28
C THR A 22 11.46 -2.76 -13.20
N GLU A 23 11.43 -1.67 -12.43
CA GLU A 23 10.42 -1.53 -11.39
C GLU A 23 9.05 -1.35 -12.06
N ARG A 24 9.04 -0.78 -13.27
CA ARG A 24 7.79 -0.59 -14.00
C ARG A 24 7.22 -1.93 -14.42
N ALA A 25 8.11 -2.86 -14.77
CA ALA A 25 7.67 -4.20 -15.17
C ALA A 25 7.08 -4.92 -13.97
N LYS A 26 7.67 -4.72 -12.80
CA LYS A 26 7.16 -5.38 -11.60
C LYS A 26 5.73 -4.89 -11.34
N PHE A 27 5.58 -3.56 -11.32
CA PHE A 27 4.30 -2.90 -11.11
C PHE A 27 3.32 -3.42 -12.19
N GLY A 28 3.84 -3.49 -13.41
CA GLY A 28 3.02 -3.94 -14.53
C GLY A 28 2.50 -5.34 -14.29
N ASN A 29 3.36 -6.25 -13.83
CA ASN A 29 2.96 -7.63 -13.57
C ASN A 29 2.01 -7.75 -12.37
N SER A 30 2.15 -6.86 -11.38
CA SER A 30 1.27 -6.89 -10.22
C SER A 30 -0.12 -6.42 -10.64
N LEU A 31 -0.18 -5.32 -11.41
CA LEU A 31 -1.46 -4.82 -11.88
C LEU A 31 -2.27 -5.93 -12.54
N TRP A 32 -1.65 -6.64 -13.47
CA TRP A 32 -2.34 -7.70 -14.18
C TRP A 32 -2.58 -9.00 -13.41
N THR A 33 -1.72 -9.30 -12.45
CA THR A 33 -1.92 -10.48 -11.64
C THR A 33 -3.18 -10.22 -10.80
N SER A 34 -3.41 -8.96 -10.45
CA SER A 34 -4.61 -8.64 -9.68
C SER A 34 -5.83 -8.66 -10.58
N ILE A 35 -5.74 -8.04 -11.75
CA ILE A 35 -6.88 -8.02 -12.67
C ILE A 35 -7.41 -9.42 -12.92
N PHE A 36 -6.51 -10.38 -13.16
CA PHE A 36 -6.94 -11.75 -13.41
C PHE A 36 -7.35 -12.50 -12.13
N ASN A 37 -6.81 -12.12 -10.97
CA ASN A 37 -7.26 -12.78 -9.77
C ASN A 37 -8.67 -12.28 -9.45
N TYR A 38 -8.91 -10.98 -9.65
CA TYR A 38 -10.23 -10.39 -9.37
C TYR A 38 -11.32 -10.91 -10.33
N ALA A 39 -10.95 -11.15 -11.59
CA ALA A 39 -11.89 -11.62 -12.60
C ALA A 39 -11.23 -12.65 -13.52
N PRO A 40 -11.15 -13.90 -13.06
CA PRO A 40 -10.51 -14.94 -13.87
C PRO A 40 -11.04 -15.09 -15.30
N ASP A 41 -12.27 -14.68 -15.53
CA ASP A 41 -12.82 -14.80 -16.89
C ASP A 41 -12.29 -13.73 -17.84
N ALA A 42 -11.62 -12.72 -17.32
CA ALA A 42 -11.10 -11.67 -18.18
C ALA A 42 -9.84 -12.11 -18.92
N ARG A 43 -9.16 -13.12 -18.38
CA ARG A 43 -7.93 -13.62 -18.97
C ARG A 43 -8.13 -14.15 -20.40
N ASP A 44 -9.24 -14.85 -20.63
CA ASP A 44 -9.53 -15.40 -21.93
C ASP A 44 -9.67 -14.34 -23.00
N LEU A 45 -9.90 -13.09 -22.60
CA LEU A 45 -10.04 -11.99 -23.55
C LEU A 45 -8.69 -11.59 -24.14
N PHE A 46 -7.61 -12.08 -23.54
CA PHE A 46 -6.29 -11.73 -23.97
C PHE A 46 -5.46 -12.83 -24.62
N LYS A 47 -6.10 -13.70 -25.37
CA LYS A 47 -5.38 -14.78 -26.05
C LYS A 47 -4.47 -14.20 -27.14
N SER A 48 -4.81 -13.01 -27.65
CA SER A 48 -4.03 -12.36 -28.69
C SER A 48 -2.68 -11.84 -28.20
N VAL A 49 -2.41 -11.99 -26.91
CA VAL A 49 -1.15 -11.52 -26.33
C VAL A 49 -0.67 -12.57 -25.32
N LYS A 50 -0.98 -13.82 -25.62
CA LYS A 50 -0.64 -15.00 -24.81
C LYS A 50 -0.71 -14.81 -23.30
N SER A 51 -1.90 -14.45 -22.81
CA SER A 51 -2.14 -14.26 -21.38
C SER A 51 -2.13 -15.59 -20.65
N GLU A 52 -2.16 -16.69 -21.40
CA GLU A 52 -2.14 -18.01 -20.78
C GLU A 52 -0.80 -18.22 -20.08
N ASP A 53 0.18 -17.41 -20.45
CA ASP A 53 1.50 -17.46 -19.86
C ASP A 53 1.96 -16.03 -19.70
N MET A 54 1.76 -15.48 -18.49
CA MET A 54 2.11 -14.10 -18.21
C MET A 54 3.59 -13.73 -18.24
N ARG A 55 4.45 -14.74 -18.32
CA ARG A 55 5.88 -14.48 -18.36
C ARG A 55 6.35 -14.43 -19.81
N SER A 56 5.47 -14.86 -20.72
CA SER A 56 5.78 -14.87 -22.14
C SER A 56 6.07 -13.45 -22.62
N PRO A 57 6.99 -13.31 -23.59
CA PRO A 57 7.31 -11.97 -24.11
C PRO A 57 6.11 -11.28 -24.77
N GLN A 58 5.15 -12.06 -25.27
CA GLN A 58 3.95 -11.50 -25.88
C GLN A 58 3.12 -10.76 -24.84
N PHE A 59 2.93 -11.37 -23.68
CA PHE A 59 2.13 -10.72 -22.65
C PHE A 59 2.85 -9.59 -21.93
N LYS A 60 4.18 -9.70 -21.81
CA LYS A 60 4.97 -8.66 -21.17
C LYS A 60 4.98 -7.42 -22.05
N ALA A 61 4.88 -7.62 -23.35
CA ALA A 61 4.85 -6.51 -24.29
C ALA A 61 3.51 -5.78 -24.10
N HIS A 62 2.47 -6.57 -23.86
CA HIS A 62 1.14 -6.00 -23.66
C HIS A 62 1.13 -5.23 -22.34
N ILE A 63 1.70 -5.82 -21.29
CA ILE A 63 1.76 -5.18 -19.99
C ILE A 63 2.44 -3.82 -20.11
N ALA A 64 3.52 -3.79 -20.89
CA ALA A 64 4.28 -2.57 -21.11
C ALA A 64 3.49 -1.51 -21.86
N ARG A 65 2.70 -1.90 -22.85
CA ARG A 65 1.93 -0.94 -23.61
C ARG A 65 0.80 -0.34 -22.79
N VAL A 66 0.19 -1.17 -21.95
CA VAL A 66 -0.90 -0.73 -21.10
C VAL A 66 -0.46 0.24 -20.02
N ILE A 67 0.65 -0.04 -19.35
CA ILE A 67 1.11 0.88 -18.31
C ILE A 67 1.74 2.12 -18.92
N GLY A 68 2.28 1.99 -20.13
CA GLY A 68 2.86 3.13 -20.80
C GLY A 68 1.71 4.06 -21.17
N GLY A 69 0.54 3.48 -21.44
CA GLY A 69 -0.66 4.23 -21.77
C GLY A 69 -1.20 4.95 -20.55
N LEU A 70 -1.12 4.30 -19.40
CA LEU A 70 -1.58 4.91 -18.16
C LEU A 70 -0.71 6.12 -17.87
N ASP A 71 0.58 5.97 -18.12
CA ASP A 71 1.54 7.02 -17.88
C ASP A 71 1.34 8.22 -18.78
N ARG A 72 1.25 8.00 -20.10
CA ARG A 72 1.06 9.12 -21.02
C ARG A 72 -0.27 9.83 -20.78
N VAL A 73 -1.31 9.06 -20.47
CA VAL A 73 -2.61 9.63 -20.21
C VAL A 73 -2.53 10.44 -18.91
N ILE A 74 -1.97 9.87 -17.85
CA ILE A 74 -1.85 10.62 -16.59
C ILE A 74 -0.98 11.87 -16.77
N SER A 75 0.04 11.78 -17.60
CA SER A 75 0.90 12.94 -17.82
C SER A 75 0.17 14.06 -18.54
N MET A 76 -0.91 13.73 -19.25
CA MET A 76 -1.69 14.75 -19.95
C MET A 76 -2.87 15.28 -19.11
N PHE A 77 -3.09 14.70 -17.95
CA PHE A 77 -4.18 15.12 -17.07
C PHE A 77 -4.40 16.63 -17.01
N ASP A 78 -3.33 17.39 -17.19
CA ASP A 78 -3.43 18.85 -17.13
C ASP A 78 -3.68 19.57 -18.45
N ASN A 79 -3.93 18.82 -19.52
CA ASN A 79 -4.19 19.44 -20.81
C ASN A 79 -5.33 18.70 -21.51
N GLU A 80 -6.54 19.20 -21.33
CA GLU A 80 -7.76 18.62 -21.91
C GLU A 80 -7.69 18.21 -23.39
N ASP A 81 -7.37 19.18 -24.25
CA ASP A 81 -7.29 18.93 -25.67
C ASP A 81 -6.40 17.74 -26.02
N ALA A 82 -5.25 17.64 -25.36
CA ALA A 82 -4.32 16.53 -25.62
C ALA A 82 -4.85 15.23 -25.03
N LEU A 83 -5.32 15.33 -23.80
CA LEU A 83 -5.88 14.19 -23.08
C LEU A 83 -7.02 13.55 -23.85
N ASN A 84 -8.07 14.32 -24.09
CA ASN A 84 -9.22 13.75 -24.81
C ASN A 84 -8.85 13.19 -26.17
N ALA A 85 -7.99 13.86 -26.91
CA ALA A 85 -7.63 13.33 -28.21
C ALA A 85 -6.98 11.96 -28.05
N ASP A 86 -6.18 11.78 -26.99
CA ASP A 86 -5.53 10.50 -26.80
C ASP A 86 -6.46 9.44 -26.22
N LEU A 87 -7.43 9.86 -25.43
CA LEU A 87 -8.39 8.93 -24.86
C LEU A 87 -9.26 8.41 -26.01
N GLU A 88 -9.62 9.29 -26.95
CA GLU A 88 -10.41 8.91 -28.10
C GLU A 88 -9.60 7.89 -28.94
N HIS A 89 -8.29 8.08 -29.01
CA HIS A 89 -7.40 7.19 -29.75
C HIS A 89 -7.47 5.81 -29.10
N LEU A 90 -7.43 5.77 -27.76
CA LEU A 90 -7.50 4.51 -27.05
C LEU A 90 -8.89 3.91 -27.22
N LYS A 91 -9.91 4.77 -27.23
CA LYS A 91 -11.28 4.29 -27.38
C LYS A 91 -11.40 3.59 -28.74
N SER A 92 -10.75 4.17 -29.74
CA SER A 92 -10.74 3.64 -31.09
C SER A 92 -10.09 2.26 -31.14
N GLN A 93 -9.19 1.98 -30.21
CA GLN A 93 -8.54 0.68 -30.17
C GLN A 93 -9.31 -0.31 -29.32
N HIS A 94 -10.07 0.17 -28.33
CA HIS A 94 -10.81 -0.78 -27.51
C HIS A 94 -12.21 -1.07 -28.02
N ASP A 95 -12.81 -0.12 -28.72
CA ASP A 95 -14.16 -0.31 -29.23
C ASP A 95 -14.37 -1.56 -30.08
N PRO A 96 -13.56 -1.74 -31.13
CA PRO A 96 -13.79 -2.95 -31.93
C PRO A 96 -13.75 -4.30 -31.21
N ARG A 97 -13.31 -4.31 -29.96
CA ARG A 97 -13.22 -5.57 -29.24
C ARG A 97 -14.45 -5.89 -28.41
N GLY A 98 -15.45 -5.02 -28.47
CA GLY A 98 -16.70 -5.22 -27.76
C GLY A 98 -16.48 -5.73 -26.36
N LEU A 99 -15.77 -4.93 -25.59
CA LEU A 99 -15.45 -5.25 -24.21
C LEU A 99 -16.53 -4.80 -23.24
N ASP A 100 -16.88 -5.71 -22.35
CA ASP A 100 -17.87 -5.47 -21.31
C ASP A 100 -17.28 -4.33 -20.43
N ALA A 101 -18.05 -3.28 -20.18
CA ALA A 101 -17.56 -2.16 -19.38
C ALA A 101 -17.18 -2.53 -17.93
N LEU A 102 -17.84 -3.54 -17.36
CA LEU A 102 -17.52 -3.96 -16.00
C LEU A 102 -16.04 -4.28 -15.80
N ASN A 103 -15.36 -4.74 -16.84
CA ASN A 103 -13.93 -5.06 -16.74
C ASN A 103 -13.07 -3.83 -16.49
N PHE A 104 -13.51 -2.67 -16.98
CA PHE A 104 -12.79 -1.44 -16.74
C PHE A 104 -12.93 -1.11 -15.24
N VAL A 105 -14.06 -1.51 -14.65
CA VAL A 105 -14.24 -1.27 -13.24
C VAL A 105 -13.27 -2.19 -12.48
N VAL A 106 -13.09 -3.41 -12.97
CA VAL A 106 -12.18 -4.35 -12.32
C VAL A 106 -10.77 -3.77 -12.44
N PHE A 107 -10.44 -3.30 -13.63
CA PHE A 107 -9.14 -2.69 -13.88
C PHE A 107 -8.84 -1.62 -12.84
N GLY A 108 -9.80 -0.72 -12.65
CA GLY A 108 -9.64 0.35 -11.67
C GLY A 108 -9.30 -0.14 -10.28
N LYS A 109 -10.03 -1.15 -9.81
CA LYS A 109 -9.81 -1.73 -8.50
C LYS A 109 -8.39 -2.29 -8.42
N ALA A 110 -7.97 -3.00 -9.47
CA ALA A 110 -6.64 -3.59 -9.50
C ALA A 110 -5.55 -2.52 -9.49
N LEU A 111 -5.79 -1.44 -10.24
CA LEU A 111 -4.84 -0.33 -10.31
C LEU A 111 -4.68 0.36 -8.94
N PHE A 112 -5.79 0.56 -8.24
CA PHE A 112 -5.76 1.19 -6.91
C PHE A 112 -5.00 0.28 -5.92
N ALA A 113 -5.29 -1.01 -5.96
CA ALA A 113 -4.62 -1.93 -5.04
C ALA A 113 -3.13 -1.93 -5.34
N THR A 114 -2.78 -1.81 -6.61
CA THR A 114 -1.38 -1.82 -7.01
C THR A 114 -0.64 -0.49 -6.73
N VAL A 115 -1.25 0.65 -7.02
CA VAL A 115 -0.57 1.91 -6.76
C VAL A 115 -0.45 2.15 -5.26
N GLY A 116 -1.55 1.92 -4.55
CA GLY A 116 -1.55 2.10 -3.11
C GLY A 116 -0.65 1.11 -2.41
N GLY A 117 -0.67 -0.14 -2.89
CA GLY A 117 0.16 -1.17 -2.31
C GLY A 117 1.62 -0.83 -2.47
N GLN A 118 1.94 -0.07 -3.50
CA GLN A 118 3.31 0.33 -3.78
C GLN A 118 3.63 1.69 -3.17
N PHE A 119 2.67 2.61 -3.21
CA PHE A 119 2.85 3.96 -2.70
C PHE A 119 2.83 4.11 -1.18
N GLY A 120 2.05 3.28 -0.50
CA GLY A 120 1.98 3.36 0.95
C GLY A 120 0.71 4.03 1.46
N VAL A 121 0.59 4.03 2.78
CA VAL A 121 -0.55 4.58 3.48
C VAL A 121 -1.05 5.96 3.06
N CYS A 122 -0.23 6.76 2.40
CA CYS A 122 -0.72 8.08 2.01
C CYS A 122 -1.43 8.09 0.67
N PHE A 123 -1.65 6.89 0.13
CA PHE A 123 -2.37 6.73 -1.13
C PHE A 123 -3.73 7.44 -0.96
N ASP A 124 -4.10 8.27 -1.93
CA ASP A 124 -5.36 9.01 -1.87
C ASP A 124 -6.40 8.23 -2.67
N LEU A 125 -7.01 7.22 -2.07
CA LEU A 125 -8.01 6.41 -2.78
C LEU A 125 -9.12 7.25 -3.47
N PRO A 126 -9.73 8.22 -2.75
CA PRO A 126 -10.79 9.02 -3.40
C PRO A 126 -10.34 9.73 -4.69
N ALA A 127 -9.19 10.40 -4.64
CA ALA A 127 -8.65 11.10 -5.80
C ALA A 127 -8.46 10.14 -6.99
N TRP A 128 -8.00 8.92 -6.69
CA TRP A 128 -7.79 7.94 -7.74
C TRP A 128 -9.10 7.41 -8.30
N GLU A 129 -10.11 7.23 -7.44
CA GLU A 129 -11.39 6.76 -7.95
C GLU A 129 -11.95 7.82 -8.91
N SER A 130 -11.88 9.08 -8.51
CA SER A 130 -12.40 10.17 -9.35
C SER A 130 -11.69 10.28 -10.70
N CYS A 131 -10.37 10.34 -10.66
CA CYS A 131 -9.63 10.48 -11.89
C CYS A 131 -9.62 9.24 -12.79
N TYR A 132 -9.70 8.05 -12.19
CA TYR A 132 -9.70 6.86 -13.02
C TYR A 132 -11.00 6.86 -13.80
N LYS A 133 -12.09 7.26 -13.13
CA LYS A 133 -13.38 7.31 -13.80
C LYS A 133 -13.24 8.14 -15.07
N VAL A 134 -12.49 9.25 -14.99
CA VAL A 134 -12.29 10.08 -16.15
C VAL A 134 -11.57 9.31 -17.27
N ILE A 135 -10.55 8.54 -16.92
CA ILE A 135 -9.84 7.77 -17.93
C ILE A 135 -10.74 6.75 -18.61
N ALA A 136 -11.43 5.95 -17.77
CA ALA A 136 -12.37 4.91 -18.20
C ALA A 136 -13.45 5.50 -19.09
N MET A 137 -13.91 6.69 -18.71
CA MET A 137 -14.95 7.38 -19.45
C MET A 137 -14.46 7.66 -20.87
N GLY A 138 -13.23 8.13 -20.98
CA GLY A 138 -12.70 8.45 -22.29
C GLY A 138 -12.49 7.24 -23.16
N ILE A 139 -12.06 6.14 -22.56
CA ILE A 139 -11.79 4.95 -23.33
C ILE A 139 -13.04 4.18 -23.73
N THR A 140 -14.05 4.16 -22.87
CA THR A 140 -15.28 3.43 -23.18
C THR A 140 -16.44 4.33 -23.63
N GLY A 141 -16.35 5.62 -23.35
CA GLY A 141 -17.41 6.55 -23.70
C GLY A 141 -18.69 6.21 -22.94
N ASN A 142 -18.58 5.24 -22.04
CA ASN A 142 -19.69 4.76 -21.24
C ASN A 142 -19.98 5.65 -20.02
N ASP A 143 -21.23 6.11 -19.89
CA ASP A 143 -21.62 6.97 -18.77
C ASP A 143 -21.65 6.20 -17.44
N MET A 144 -21.26 4.94 -17.47
CA MET A 144 -21.19 4.13 -16.27
C MET A 144 -20.14 4.78 -15.38
N PHE A 145 -19.18 5.45 -16.02
CA PHE A 145 -18.10 6.11 -15.29
C PHE A 145 -18.38 7.61 -15.17
N SER A 146 -19.66 7.94 -15.00
CA SER A 146 -20.09 9.33 -14.86
C SER A 146 -19.86 9.83 -13.45
N SER B 1 24.14 32.31 -29.71
CA SER B 1 23.18 31.23 -29.53
C SER B 1 21.81 31.76 -29.14
N GLU B 2 20.77 30.97 -29.43
CA GLU B 2 19.40 31.37 -29.11
C GLU B 2 18.82 30.56 -27.96
N CYS B 3 18.00 31.20 -27.15
CA CYS B 3 17.37 30.53 -26.04
C CYS B 3 16.12 29.83 -26.57
N GLY B 4 16.34 28.77 -27.33
CA GLY B 4 15.22 28.02 -27.89
C GLY B 4 14.48 27.13 -26.90
N PRO B 5 13.49 26.36 -27.37
CA PRO B 5 12.70 25.46 -26.52
C PRO B 5 13.58 24.44 -25.81
N LEU B 6 14.47 23.82 -26.58
CA LEU B 6 15.37 22.83 -26.03
C LEU B 6 16.27 23.48 -24.97
N GLN B 7 16.96 24.56 -25.33
CA GLN B 7 17.84 25.26 -24.40
C GLN B 7 17.10 25.59 -23.10
N ARG B 8 15.82 25.92 -23.22
CA ARG B 8 15.01 26.26 -22.05
C ARG B 8 14.76 25.06 -21.13
N LEU B 9 14.51 23.89 -21.72
CA LEU B 9 14.31 22.71 -20.91
C LEU B 9 15.61 22.40 -20.17
N LYS B 10 16.74 22.59 -20.87
CA LYS B 10 18.06 22.34 -20.30
C LYS B 10 18.30 23.22 -19.09
N VAL B 11 18.16 24.52 -19.29
CA VAL B 11 18.35 25.50 -18.24
C VAL B 11 17.48 25.18 -17.04
N LYS B 12 16.23 24.80 -17.30
CA LYS B 12 15.31 24.48 -16.22
C LYS B 12 15.84 23.37 -15.32
N ARG B 13 16.22 22.26 -15.93
CA ARG B 13 16.74 21.11 -15.20
C ARG B 13 18.07 21.44 -14.50
N GLN B 14 19.00 22.04 -15.22
CA GLN B 14 20.26 22.41 -14.59
C GLN B 14 20.02 23.32 -13.39
N TRP B 15 19.12 24.30 -13.56
CA TRP B 15 18.77 25.23 -12.47
C TRP B 15 18.17 24.49 -11.29
N ALA B 16 17.26 23.55 -11.58
CA ALA B 16 16.64 22.77 -10.52
C ALA B 16 17.70 22.10 -9.65
N GLU B 17 18.74 21.54 -10.28
CA GLU B 17 19.82 20.89 -9.56
C GLU B 17 20.56 21.92 -8.73
N ALA B 18 21.12 22.90 -9.41
CA ALA B 18 21.85 23.98 -8.76
C ALA B 18 21.08 24.66 -7.60
N TYR B 19 19.84 25.08 -7.87
CA TYR B 19 19.04 25.77 -6.86
C TYR B 19 18.60 24.79 -5.78
N GLY B 20 18.07 23.65 -6.22
CA GLY B 20 17.66 22.61 -5.29
C GLY B 20 16.44 22.92 -4.45
N SER B 21 16.19 22.05 -3.47
CA SER B 21 15.04 22.18 -2.56
C SER B 21 15.16 23.29 -1.51
N GLY B 22 16.34 23.47 -0.93
CA GLY B 22 16.49 24.51 0.07
C GLY B 22 17.74 24.46 0.94
N ASN B 23 18.27 23.26 1.19
CA ASN B 23 19.46 23.12 2.03
C ASN B 23 20.76 23.75 1.52
N GLY B 24 20.95 23.78 0.21
CA GLY B 24 22.18 24.38 -0.31
C GLY B 24 22.02 25.81 -0.81
N ARG B 25 20.84 26.38 -0.63
CA ARG B 25 20.58 27.73 -1.13
C ARG B 25 21.43 28.85 -0.55
N GLU B 26 21.71 28.81 0.74
CA GLU B 26 22.54 29.84 1.34
C GLU B 26 23.93 29.93 0.73
N GLU B 27 24.57 28.77 0.57
CA GLU B 27 25.92 28.68 0.01
C GLU B 27 25.93 29.05 -1.49
N PHE B 28 24.91 28.59 -2.22
CA PHE B 28 24.74 28.85 -3.65
C PHE B 28 24.70 30.37 -3.85
N GLY B 29 23.86 31.03 -3.06
CA GLY B 29 23.73 32.47 -3.16
C GLY B 29 24.97 33.20 -2.71
N HIS B 30 25.68 32.65 -1.73
CA HIS B 30 26.89 33.29 -1.25
C HIS B 30 27.94 33.30 -2.36
N PHE B 31 28.21 32.11 -2.87
CA PHE B 31 29.20 31.93 -3.93
C PHE B 31 28.99 32.93 -5.05
N ILE B 32 27.74 33.12 -5.44
CA ILE B 32 27.38 34.05 -6.51
C ILE B 32 27.75 35.49 -6.21
N TRP B 33 27.30 36.00 -5.07
CA TRP B 33 27.59 37.38 -4.70
C TRP B 33 29.02 37.69 -4.27
N ALA B 34 29.75 36.69 -3.80
CA ALA B 34 31.14 36.92 -3.40
C ALA B 34 31.88 37.23 -4.70
N ASN B 35 31.43 36.58 -5.77
CA ASN B 35 31.99 36.75 -7.10
C ASN B 35 31.64 38.13 -7.68
N VAL B 36 30.41 38.59 -7.46
CA VAL B 36 29.96 39.88 -7.99
C VAL B 36 30.74 41.05 -7.42
N PHE B 37 30.80 41.10 -6.09
CA PHE B 37 31.48 42.18 -5.39
C PHE B 37 33.00 42.09 -5.47
N LYS B 38 33.51 40.93 -5.88
CA LYS B 38 34.94 40.78 -6.00
C LYS B 38 35.33 41.40 -7.33
N VAL B 39 34.58 41.04 -8.37
CA VAL B 39 34.83 41.52 -9.72
C VAL B 39 34.41 42.97 -9.91
N ALA B 40 33.40 43.39 -9.15
CA ALA B 40 32.91 44.76 -9.23
C ALA B 40 32.53 45.31 -7.85
N PRO B 41 33.54 45.62 -7.03
CA PRO B 41 33.26 46.15 -5.69
C PRO B 41 32.36 47.39 -5.67
N SER B 42 32.51 48.24 -6.68
CA SER B 42 31.71 49.47 -6.77
C SER B 42 30.20 49.19 -6.74
N ALA B 43 29.81 47.96 -7.07
CA ALA B 43 28.40 47.59 -7.08
C ALA B 43 27.75 47.59 -5.70
N ARG B 44 28.58 47.44 -4.65
CA ARG B 44 28.09 47.41 -3.28
C ARG B 44 27.29 48.65 -2.87
N ASP B 45 27.70 49.82 -3.37
CA ASP B 45 27.03 51.06 -3.00
C ASP B 45 25.53 51.04 -3.23
N MET B 46 25.08 50.15 -4.11
CA MET B 46 23.66 50.06 -4.44
C MET B 46 22.84 49.25 -3.44
N PHE B 47 23.53 48.50 -2.59
CA PHE B 47 22.85 47.66 -1.62
C PHE B 47 23.03 48.13 -0.18
N LYS B 48 23.17 49.43 0.02
CA LYS B 48 23.35 49.93 1.37
C LYS B 48 22.20 49.59 2.31
N ARG B 49 21.00 49.37 1.77
CA ARG B 49 19.86 49.05 2.63
C ARG B 49 19.87 47.62 3.16
N VAL B 50 20.50 46.72 2.42
CA VAL B 50 20.55 45.32 2.79
C VAL B 50 21.97 44.86 3.09
N ARG B 51 22.73 45.75 3.73
CA ARG B 51 24.11 45.48 4.13
C ARG B 51 25.04 44.93 3.05
N GLY B 52 25.05 45.56 1.87
CA GLY B 52 25.91 45.10 0.80
C GLY B 52 27.39 45.15 1.13
N ASP B 53 27.70 45.73 2.30
CA ASP B 53 29.07 45.85 2.79
C ASP B 53 29.57 44.52 3.36
N ASN B 54 28.62 43.70 3.83
CA ASN B 54 28.95 42.42 4.44
C ASN B 54 27.89 41.36 4.09
N ILE B 55 28.18 40.57 3.06
CA ILE B 55 27.27 39.54 2.60
C ILE B 55 27.17 38.31 3.49
N TYR B 56 27.69 38.42 4.71
CA TYR B 56 27.63 37.32 5.67
C TYR B 56 26.48 37.62 6.63
N THR B 57 25.96 38.83 6.54
CA THR B 57 24.85 39.25 7.39
C THR B 57 23.52 38.64 6.94
N PRO B 58 22.57 38.51 7.90
CA PRO B 58 21.26 37.95 7.60
C PRO B 58 20.52 38.86 6.63
N ALA B 59 20.73 40.17 6.79
CA ALA B 59 20.06 41.15 5.95
C ALA B 59 20.37 40.94 4.46
N PHE B 60 21.65 40.75 4.16
CA PHE B 60 22.04 40.54 2.78
C PHE B 60 21.63 39.15 2.33
N ARG B 61 21.81 38.17 3.21
CA ARG B 61 21.43 36.80 2.90
C ARG B 61 19.95 36.77 2.48
N ALA B 62 19.13 37.59 3.13
CA ALA B 62 17.71 37.66 2.79
C ALA B 62 17.58 38.24 1.37
N HIS B 63 18.41 39.24 1.08
CA HIS B 63 18.43 39.86 -0.23
C HIS B 63 18.79 38.79 -1.26
N ALA B 64 19.91 38.11 -1.02
CA ALA B 64 20.38 37.05 -1.92
C ALA B 64 19.27 36.00 -2.09
N THR B 65 18.49 35.82 -1.04
CA THR B 65 17.37 34.88 -1.07
C THR B 65 16.30 35.36 -2.06
N ARG B 66 16.03 36.67 -2.09
CA ARG B 66 15.03 37.21 -3.00
C ARG B 66 15.49 37.16 -4.47
N VAL B 67 16.75 37.50 -4.70
CA VAL B 67 17.31 37.49 -6.05
C VAL B 67 17.20 36.09 -6.68
N LEU B 68 17.61 35.08 -5.94
CA LEU B 68 17.55 33.71 -6.44
C LEU B 68 16.11 33.33 -6.69
N GLY B 69 15.23 33.79 -5.81
CA GLY B 69 13.81 33.51 -5.96
C GLY B 69 13.33 34.13 -7.26
N GLY B 70 13.95 35.25 -7.61
CA GLY B 70 13.62 35.96 -8.83
C GLY B 70 13.99 35.12 -10.04
N LEU B 71 15.23 34.62 -10.06
CA LEU B 71 15.69 33.78 -11.16
C LEU B 71 14.84 32.53 -11.23
N ASP B 72 14.58 31.90 -10.09
CA ASP B 72 13.77 30.68 -10.06
C ASP B 72 12.44 30.90 -10.76
N MET B 73 11.77 32.01 -10.42
CA MET B 73 10.49 32.35 -11.04
C MET B 73 10.61 32.47 -12.56
N CYS B 74 11.63 33.17 -13.03
CA CYS B 74 11.82 33.33 -14.47
C CYS B 74 12.16 32.01 -15.15
N VAL B 75 13.13 31.29 -14.62
CA VAL B 75 13.52 30.02 -15.21
C VAL B 75 12.29 29.09 -15.26
N ALA B 76 11.51 29.10 -14.19
CA ALA B 76 10.31 28.26 -14.10
C ALA B 76 9.26 28.64 -15.14
N LEU B 77 9.40 29.85 -15.72
CA LEU B 77 8.46 30.32 -16.74
C LEU B 77 9.07 30.40 -18.14
N LEU B 78 10.32 29.98 -18.31
CA LEU B 78 10.94 30.06 -19.63
C LEU B 78 10.14 29.38 -20.75
N ASP B 79 9.07 28.67 -20.39
CA ASP B 79 8.25 27.99 -21.40
C ASP B 79 6.82 28.54 -21.45
N ASP B 80 6.61 29.66 -20.80
CA ASP B 80 5.31 30.30 -20.75
C ASP B 80 5.57 31.78 -21.05
N GLU B 81 5.97 32.06 -22.29
CA GLU B 81 6.28 33.42 -22.72
C GLU B 81 5.39 34.51 -22.11
N SER B 82 4.09 34.39 -22.35
CA SER B 82 3.11 35.33 -21.83
C SER B 82 3.34 35.68 -20.37
N VAL B 83 3.39 34.67 -19.51
CA VAL B 83 3.58 34.86 -18.06
C VAL B 83 5.02 35.26 -17.71
N LEU B 84 5.99 34.80 -18.50
CA LEU B 84 7.38 35.14 -18.26
C LEU B 84 7.58 36.65 -18.38
N ASN B 85 7.01 37.23 -19.43
CA ASN B 85 7.14 38.68 -19.66
C ASN B 85 6.46 39.51 -18.59
N THR B 86 5.33 39.04 -18.10
CA THR B 86 4.62 39.77 -17.06
C THR B 86 5.56 39.82 -15.85
N GLN B 87 6.20 38.69 -15.56
CA GLN B 87 7.11 38.59 -14.43
C GLN B 87 8.38 39.41 -14.64
N LEU B 88 8.97 39.30 -15.83
CA LEU B 88 10.16 40.05 -16.13
C LEU B 88 9.84 41.54 -16.01
N ALA B 89 8.59 41.90 -16.28
CA ALA B 89 8.15 43.28 -16.19
C ALA B 89 8.11 43.73 -14.74
N HIS B 90 7.68 42.84 -13.85
CA HIS B 90 7.62 43.15 -12.42
C HIS B 90 9.04 43.43 -11.95
N LEU B 91 9.94 42.46 -12.18
CA LEU B 91 11.33 42.61 -11.78
C LEU B 91 11.89 43.91 -12.36
N ALA B 92 11.49 44.23 -13.59
CA ALA B 92 11.95 45.46 -14.23
C ALA B 92 11.56 46.67 -13.37
N SER B 93 10.36 46.64 -12.82
CA SER B 93 9.89 47.73 -11.97
C SER B 93 10.73 47.85 -10.71
N GLN B 94 10.94 46.71 -10.06
CA GLN B 94 11.71 46.66 -8.83
C GLN B 94 13.12 47.22 -8.98
N HIS B 95 13.58 47.35 -10.23
CA HIS B 95 14.91 47.88 -10.53
C HIS B 95 14.92 49.22 -11.27
N SER B 96 13.90 49.45 -12.09
CA SER B 96 13.77 50.66 -12.91
C SER B 96 14.37 51.96 -12.38
N SER B 97 14.32 52.19 -11.08
CA SER B 97 14.86 53.42 -10.53
C SER B 97 16.26 53.33 -9.92
N ARG B 98 16.89 52.16 -10.01
CA ARG B 98 18.20 51.97 -9.41
C ARG B 98 19.43 52.19 -10.27
N GLY B 99 19.25 52.48 -11.55
CA GLY B 99 20.39 52.72 -12.43
C GLY B 99 21.38 51.58 -12.61
N VAL B 100 20.87 50.41 -12.97
CA VAL B 100 21.70 49.22 -13.18
C VAL B 100 22.28 49.21 -14.61
N SER B 101 23.60 49.27 -14.71
CA SER B 101 24.26 49.29 -16.02
C SER B 101 24.20 47.93 -16.70
N ALA B 102 24.27 47.93 -18.02
CA ALA B 102 24.24 46.68 -18.78
C ALA B 102 25.46 45.84 -18.43
N GLU B 103 26.50 46.51 -17.92
CA GLU B 103 27.74 45.84 -17.54
C GLU B 103 27.55 45.04 -16.26
N GLN B 104 26.84 45.64 -15.30
CA GLN B 104 26.57 44.98 -14.04
C GLN B 104 25.67 43.76 -14.28
N TYR B 105 24.63 43.93 -15.11
CA TYR B 105 23.74 42.81 -15.40
C TYR B 105 24.59 41.67 -15.95
N ASN B 106 25.59 42.00 -16.77
CA ASN B 106 26.45 40.95 -17.34
C ASN B 106 27.31 40.31 -16.26
N VAL B 107 27.73 41.11 -15.29
CA VAL B 107 28.54 40.60 -14.20
C VAL B 107 27.73 39.61 -13.37
N VAL B 108 26.52 40.01 -13.01
CA VAL B 108 25.66 39.15 -12.22
C VAL B 108 25.31 37.91 -13.03
N GLU B 109 25.29 38.07 -14.36
CA GLU B 109 24.97 36.96 -15.26
C GLU B 109 26.07 35.92 -15.15
N HIS B 110 27.32 36.39 -15.17
CA HIS B 110 28.48 35.51 -15.09
C HIS B 110 28.60 34.90 -13.70
N ALA B 111 28.28 35.69 -12.68
CA ALA B 111 28.32 35.21 -11.30
C ALA B 111 27.40 34.00 -11.22
N VAL B 112 26.17 34.19 -11.67
CA VAL B 112 25.16 33.14 -11.67
C VAL B 112 25.61 31.90 -12.44
N MET B 113 26.23 32.11 -13.60
CA MET B 113 26.69 30.96 -14.39
C MET B 113 27.79 30.19 -13.65
N MET B 114 28.82 30.89 -13.19
CA MET B 114 29.90 30.25 -12.43
C MET B 114 29.30 29.51 -11.23
N GLY B 115 28.28 30.12 -10.61
CA GLY B 115 27.63 29.52 -9.46
C GLY B 115 26.90 28.22 -9.77
N VAL B 116 26.18 28.18 -10.89
CA VAL B 116 25.45 26.98 -11.32
C VAL B 116 26.45 25.89 -11.73
N GLU B 117 27.46 26.29 -12.49
CA GLU B 117 28.49 25.38 -12.96
C GLU B 117 29.25 24.80 -11.75
N HIS B 118 29.49 25.67 -10.76
CA HIS B 118 30.17 25.27 -9.53
C HIS B 118 29.25 24.32 -8.76
N GLU B 119 27.96 24.50 -8.97
CA GLU B 119 26.94 23.68 -8.32
C GLU B 119 26.72 22.32 -8.99
N ILE B 120 26.69 22.28 -10.31
CA ILE B 120 26.46 21.00 -11.00
C ILE B 120 27.69 20.42 -11.66
N GLY B 121 28.78 21.19 -11.69
CA GLY B 121 30.02 20.70 -12.30
C GLY B 121 30.28 21.09 -13.73
N GLN B 122 31.52 21.48 -14.03
CA GLN B 122 31.92 21.87 -15.38
C GLN B 122 31.65 20.77 -16.39
N ASN B 123 31.58 19.55 -15.87
CA ASN B 123 31.33 18.37 -16.68
C ASN B 123 30.00 18.42 -17.43
N VAL B 124 28.95 18.99 -16.83
CA VAL B 124 27.65 19.03 -17.49
C VAL B 124 27.11 20.44 -17.83
N PHE B 125 27.74 21.46 -17.28
CA PHE B 125 27.31 22.84 -17.51
C PHE B 125 27.16 23.19 -19.00
N ASP B 126 25.94 23.54 -19.40
CA ASP B 126 25.65 23.90 -20.79
C ASP B 126 25.77 25.43 -20.95
N LYS B 127 26.99 25.87 -21.24
CA LYS B 127 27.34 27.27 -21.40
C LYS B 127 26.44 28.04 -22.37
N ASP B 128 26.31 27.55 -23.60
CA ASP B 128 25.48 28.23 -24.59
C ASP B 128 24.04 28.41 -24.14
N ALA B 129 23.40 27.32 -23.71
CA ALA B 129 22.02 27.41 -23.26
C ALA B 129 21.89 28.45 -22.14
N TRP B 130 22.77 28.38 -21.16
CA TRP B 130 22.69 29.32 -20.05
C TRP B 130 22.90 30.79 -20.40
N GLN B 131 23.88 31.04 -21.25
CA GLN B 131 24.18 32.41 -21.64
C GLN B 131 23.03 33.02 -22.44
N ALA B 132 22.48 32.27 -23.38
CA ALA B 132 21.38 32.76 -24.21
C ALA B 132 20.09 32.98 -23.43
N CYS B 133 19.79 32.10 -22.47
CA CYS B 133 18.56 32.26 -21.70
C CYS B 133 18.63 33.28 -20.56
N LEU B 134 19.81 33.47 -19.98
CA LEU B 134 19.95 34.45 -18.91
C LEU B 134 19.87 35.85 -19.52
N ASP B 135 20.43 36.03 -20.72
CA ASP B 135 20.37 37.32 -21.37
C ASP B 135 18.92 37.64 -21.73
N VAL B 136 18.16 36.61 -22.10
CA VAL B 136 16.75 36.82 -22.40
C VAL B 136 16.10 37.38 -21.14
N ILE B 137 16.51 36.84 -19.99
CA ILE B 137 15.97 37.25 -18.69
C ILE B 137 16.41 38.64 -18.26
N THR B 138 17.69 38.97 -18.47
CA THR B 138 18.19 40.29 -18.11
C THR B 138 17.52 41.33 -19.00
N SER B 139 17.47 41.06 -20.32
CA SER B 139 16.84 41.97 -21.27
C SER B 139 15.46 42.39 -20.77
N GLY B 140 14.68 41.40 -20.33
CA GLY B 140 13.36 41.69 -19.82
C GLY B 140 13.44 42.63 -18.62
N ILE B 141 14.36 42.35 -17.69
CA ILE B 141 14.52 43.18 -16.50
C ILE B 141 14.85 44.64 -16.82
N GLN B 142 15.57 44.86 -17.92
CA GLN B 142 15.94 46.22 -18.32
C GLN B 142 14.94 46.83 -19.29
N GLY B 143 13.68 46.45 -19.17
CA GLY B 143 12.68 46.97 -20.10
C GLY B 143 12.85 46.18 -21.39
N ASN B 144 14.06 46.21 -21.93
CA ASN B 144 14.44 45.49 -23.15
C ASN B 144 15.67 46.11 -23.78
N SER C 1 -0.50 21.60 23.35
CA SER C 1 0.37 22.19 24.37
C SER C 1 0.94 23.53 23.89
N SER C 2 2.18 23.50 23.41
CA SER C 2 2.85 24.69 22.90
C SER C 2 2.53 24.84 21.42
N ASN C 3 2.34 26.08 20.97
CA ASN C 3 2.01 26.34 19.58
C ASN C 3 3.25 26.67 18.77
N SER C 4 4.41 26.58 19.40
CA SER C 4 5.66 26.90 18.74
C SER C 4 6.02 25.98 17.58
N CYS C 5 6.53 26.58 16.50
CA CYS C 5 6.96 25.81 15.34
C CYS C 5 8.32 25.23 15.74
N THR C 6 8.33 23.94 16.04
CA THR C 6 9.54 23.25 16.46
C THR C 6 10.46 22.85 15.32
N THR C 7 11.65 22.38 15.68
CA THR C 7 12.60 21.96 14.67
C THR C 7 12.01 20.79 13.89
N GLU C 8 11.31 19.90 14.59
CA GLU C 8 10.70 18.75 13.93
C GLU C 8 9.56 19.18 13.03
N ASP C 9 8.80 20.17 13.46
CA ASP C 9 7.69 20.65 12.63
C ASP C 9 8.22 21.29 11.35
N ARG C 10 9.36 21.96 11.44
CA ARG C 10 9.95 22.60 10.27
C ARG C 10 10.37 21.56 9.24
N ARG C 11 10.98 20.47 9.71
CA ARG C 11 11.36 19.41 8.79
C ARG C 11 10.11 18.85 8.11
N GLU C 12 9.05 18.67 8.89
CA GLU C 12 7.80 18.14 8.36
C GLU C 12 7.15 19.07 7.34
N MET C 13 7.13 20.37 7.63
CA MET C 13 6.52 21.31 6.71
C MET C 13 7.27 21.30 5.39
N GLN C 14 8.61 21.32 5.46
CA GLN C 14 9.40 21.30 4.25
C GLN C 14 9.14 20.03 3.44
N LEU C 15 8.93 18.91 4.12
CA LEU C 15 8.63 17.67 3.43
C LEU C 15 7.26 17.77 2.75
N MET C 16 6.27 18.27 3.48
CA MET C 16 4.94 18.41 2.92
C MET C 16 5.02 19.33 1.71
N TRP C 17 5.84 20.37 1.84
CA TRP C 17 6.00 21.35 0.76
C TRP C 17 6.76 20.80 -0.44
N ALA C 18 7.85 20.09 -0.19
CA ALA C 18 8.66 19.53 -1.28
C ALA C 18 7.88 18.53 -2.11
N ASN C 19 7.26 17.57 -1.43
CA ASN C 19 6.49 16.53 -2.10
C ASN C 19 5.18 17.10 -2.66
N VAL C 20 5.27 18.33 -3.16
CA VAL C 20 4.13 19.02 -3.74
C VAL C 20 4.61 20.15 -4.64
N TRP C 21 5.85 20.57 -4.43
CA TRP C 21 6.45 21.67 -5.17
C TRP C 21 7.24 21.24 -6.41
N SER C 22 7.04 21.98 -7.50
CA SER C 22 7.71 21.70 -8.78
C SER C 22 9.00 22.53 -8.92
N ALA C 23 10.13 21.85 -8.99
CA ALA C 23 11.41 22.51 -9.11
C ALA C 23 11.62 23.15 -10.49
N GLN C 24 11.03 22.53 -11.53
CA GLN C 24 11.19 23.01 -12.90
C GLN C 24 10.06 23.76 -13.60
N PHE C 25 8.81 23.50 -13.24
CA PHE C 25 7.69 24.17 -13.90
C PHE C 25 6.71 24.79 -12.91
N THR C 26 6.02 25.84 -13.36
CA THR C 26 5.08 26.54 -12.51
C THR C 26 3.67 25.97 -12.56
N GLY C 27 3.41 25.07 -13.50
CA GLY C 27 2.09 24.48 -13.61
C GLY C 27 1.57 24.01 -12.26
N ARG C 28 2.44 23.33 -11.51
CA ARG C 28 2.09 22.80 -10.20
C ARG C 28 1.95 23.91 -9.12
N ARG C 29 2.79 24.93 -9.19
CA ARG C 29 2.74 26.05 -8.25
C ARG C 29 1.46 26.86 -8.45
N LEU C 30 1.21 27.23 -9.71
CA LEU C 30 0.02 28.01 -10.06
C LEU C 30 -1.24 27.36 -9.57
N ALA C 31 -1.38 26.08 -9.90
CA ALA C 31 -2.56 25.33 -9.51
C ALA C 31 -2.85 25.46 -8.02
N ILE C 32 -1.80 25.29 -7.22
CA ILE C 32 -1.93 25.37 -5.77
C ILE C 32 -2.23 26.80 -5.29
N ALA C 33 -1.53 27.77 -5.85
CA ALA C 33 -1.73 29.18 -5.49
C ALA C 33 -3.13 29.63 -5.84
N GLN C 34 -3.49 29.49 -7.12
CA GLN C 34 -4.81 29.86 -7.60
C GLN C 34 -5.88 29.19 -6.73
N ALA C 35 -5.72 27.89 -6.50
CA ALA C 35 -6.67 27.14 -5.68
C ALA C 35 -6.88 27.82 -4.33
N VAL C 36 -5.77 28.22 -3.70
CA VAL C 36 -5.84 28.88 -2.40
C VAL C 36 -6.65 30.18 -2.50
N PHE C 37 -6.30 31.01 -3.47
CA PHE C 37 -7.00 32.28 -3.65
C PHE C 37 -8.49 32.09 -3.94
N LYS C 38 -8.84 31.18 -4.85
CA LYS C 38 -10.25 30.92 -5.14
C LYS C 38 -10.93 30.66 -3.79
N ASP C 39 -10.29 29.84 -2.97
CA ASP C 39 -10.80 29.48 -1.64
C ASP C 39 -10.91 30.69 -0.70
N LEU C 40 -9.93 31.60 -0.76
CA LEU C 40 -9.96 32.79 0.09
C LEU C 40 -11.09 33.73 -0.35
N PHE C 41 -11.14 33.98 -1.66
CA PHE C 41 -12.15 34.86 -2.23
C PHE C 41 -13.57 34.36 -1.98
N ALA C 42 -13.75 33.05 -1.89
CA ALA C 42 -15.08 32.51 -1.65
C ALA C 42 -15.43 32.50 -0.17
N HIS C 43 -14.46 32.78 0.69
CA HIS C 43 -14.70 32.80 2.14
C HIS C 43 -14.63 34.23 2.69
N VAL C 44 -14.03 35.12 1.91
CA VAL C 44 -13.90 36.52 2.26
C VAL C 44 -14.26 37.25 0.97
N PRO C 45 -15.53 37.63 0.82
CA PRO C 45 -16.02 38.32 -0.37
C PRO C 45 -15.20 39.57 -0.72
N ASP C 46 -14.92 40.37 0.31
CA ASP C 46 -14.16 41.62 0.15
C ASP C 46 -12.73 41.48 -0.38
N ALA C 47 -11.99 40.50 0.15
CA ALA C 47 -10.60 40.25 -0.24
C ALA C 47 -10.21 40.46 -1.70
N VAL C 48 -11.06 40.01 -2.63
CA VAL C 48 -10.77 40.14 -4.05
C VAL C 48 -10.41 41.58 -4.46
N GLY C 49 -11.03 42.55 -3.80
CA GLY C 49 -10.77 43.94 -4.11
C GLY C 49 -9.41 44.47 -3.71
N LEU C 50 -8.55 43.59 -3.21
CA LEU C 50 -7.20 43.99 -2.79
C LEU C 50 -6.19 43.62 -3.86
N PHE C 51 -6.64 42.85 -4.85
CA PHE C 51 -5.75 42.39 -5.93
C PHE C 51 -6.17 42.91 -7.30
N ASP C 52 -6.67 44.14 -7.30
CA ASP C 52 -7.12 44.79 -8.52
C ASP C 52 -5.95 44.95 -9.48
N ARG C 53 -4.81 45.32 -8.91
CA ARG C 53 -3.59 45.56 -9.69
C ARG C 53 -3.06 44.29 -10.40
N VAL C 54 -3.37 43.12 -9.86
CA VAL C 54 -2.93 41.85 -10.45
C VAL C 54 -4.10 41.08 -11.07
N HIS C 55 -5.20 41.80 -11.29
CA HIS C 55 -6.41 41.22 -11.88
C HIS C 55 -6.94 40.10 -10.99
N GLY C 56 -7.34 40.44 -9.77
CA GLY C 56 -7.87 39.46 -8.83
C GLY C 56 -9.11 38.74 -9.31
N THR C 57 -9.99 39.46 -9.99
CA THR C 57 -11.23 38.87 -10.48
C THR C 57 -11.03 37.95 -11.69
N GLU C 58 -9.84 37.95 -12.25
CA GLU C 58 -9.53 37.11 -13.41
C GLU C 58 -8.43 36.10 -13.08
N ILE C 59 -8.76 35.18 -12.18
CA ILE C 59 -7.83 34.15 -11.69
C ILE C 59 -6.93 33.52 -12.76
N ASP C 60 -7.40 33.46 -14.01
CA ASP C 60 -6.58 32.86 -15.05
C ASP C 60 -5.88 33.90 -15.91
N SER C 61 -5.93 35.15 -15.47
CA SER C 61 -5.29 36.23 -16.19
C SER C 61 -3.78 36.02 -16.16
N SER C 62 -3.10 36.58 -17.14
CA SER C 62 -1.66 36.45 -17.25
C SER C 62 -1.00 37.14 -16.06
N GLU C 63 -1.56 38.27 -15.65
CA GLU C 63 -1.01 39.01 -14.53
C GLU C 63 -1.34 38.45 -13.15
N PHE C 64 -2.41 37.68 -13.03
CA PHE C 64 -2.74 37.10 -11.72
C PHE C 64 -1.90 35.84 -11.55
N LYS C 65 -1.53 35.21 -12.65
CA LYS C 65 -0.68 34.02 -12.62
C LYS C 65 0.68 34.46 -12.07
N ALA C 66 1.15 35.58 -12.60
CA ALA C 66 2.42 36.18 -12.21
C ALA C 66 2.43 36.47 -10.71
N HIS C 67 1.29 36.93 -10.22
CA HIS C 67 1.15 37.24 -8.80
C HIS C 67 1.19 35.96 -7.94
N CYS C 68 0.43 34.95 -8.36
CA CYS C 68 0.38 33.67 -7.65
C CYS C 68 1.78 33.06 -7.59
N ILE C 69 2.52 33.16 -8.70
CA ILE C 69 3.88 32.65 -8.75
C ILE C 69 4.73 33.38 -7.68
N ARG C 70 4.53 34.69 -7.55
CA ARG C 70 5.28 35.48 -6.55
C ARG C 70 4.85 35.11 -5.14
N VAL C 71 3.57 34.85 -4.93
CA VAL C 71 3.12 34.47 -3.60
C VAL C 71 3.77 33.15 -3.20
N VAL C 72 3.68 32.17 -4.09
CA VAL C 72 4.25 30.86 -3.86
C VAL C 72 5.79 30.92 -3.76
N ASN C 73 6.43 31.82 -4.49
CA ASN C 73 7.88 31.93 -4.40
C ASN C 73 8.22 32.42 -3.01
N GLY C 74 7.46 33.40 -2.54
CA GLY C 74 7.67 33.98 -1.22
C GLY C 74 7.45 33.00 -0.10
N LEU C 75 6.46 32.12 -0.26
CA LEU C 75 6.17 31.12 0.76
C LEU C 75 7.26 30.03 0.70
N ASP C 76 7.74 29.76 -0.51
CA ASP C 76 8.77 28.76 -0.69
C ASP C 76 10.06 29.19 0.00
N SER C 77 10.43 30.46 -0.16
CA SER C 77 11.63 31.01 0.45
C SER C 77 11.53 30.98 1.96
N ALA C 78 10.35 31.25 2.48
CA ALA C 78 10.14 31.26 3.92
C ALA C 78 10.25 29.85 4.51
N ILE C 79 9.48 28.91 3.95
CA ILE C 79 9.49 27.52 4.40
C ILE C 79 10.92 26.99 4.42
N GLY C 80 11.68 27.28 3.39
CA GLY C 80 13.05 26.82 3.33
C GLY C 80 13.90 27.53 4.38
N LEU C 81 13.56 28.79 4.63
CA LEU C 81 14.29 29.57 5.61
C LEU C 81 13.94 29.22 7.05
N LEU C 82 13.01 28.29 7.24
CA LEU C 82 12.66 27.88 8.60
C LEU C 82 13.91 27.23 9.25
N SER C 83 14.83 26.77 8.42
CA SER C 83 16.08 26.14 8.87
C SER C 83 17.14 27.15 9.30
N ASP C 84 16.92 28.43 9.00
CA ASP C 84 17.86 29.48 9.36
C ASP C 84 17.06 30.72 9.76
N PRO C 85 16.45 30.68 10.96
CA PRO C 85 15.63 31.74 11.55
C PRO C 85 16.21 33.16 11.49
N SER C 86 17.52 33.30 11.56
CA SER C 86 18.16 34.62 11.50
C SER C 86 17.77 35.33 10.21
N THR C 87 18.06 34.68 9.10
CA THR C 87 17.75 35.22 7.79
C THR C 87 16.24 35.29 7.62
N LEU C 88 15.55 34.24 8.07
CA LEU C 88 14.10 34.20 7.97
C LEU C 88 13.49 35.49 8.52
N ASN C 89 13.93 35.91 9.70
CA ASN C 89 13.39 37.13 10.29
C ASN C 89 13.56 38.31 9.37
N GLU C 90 14.72 38.41 8.72
CA GLU C 90 14.94 39.50 7.78
C GLU C 90 13.94 39.37 6.63
N GLN C 91 13.93 38.19 6.00
CA GLN C 91 13.03 37.94 4.89
C GLN C 91 11.59 38.25 5.28
N LEU C 92 11.20 37.87 6.48
CA LEU C 92 9.84 38.13 6.94
C LEU C 92 9.56 39.61 7.19
N SER C 93 10.59 40.40 7.47
CA SER C 93 10.38 41.83 7.68
C SER C 93 10.14 42.49 6.33
N HIS C 94 10.92 42.06 5.34
CA HIS C 94 10.77 42.60 4.00
C HIS C 94 9.38 42.28 3.45
N LEU C 95 8.82 41.13 3.82
CA LEU C 95 7.50 40.75 3.34
C LEU C 95 6.46 41.59 4.05
N ALA C 96 6.77 41.92 5.30
CA ALA C 96 5.89 42.72 6.11
C ALA C 96 5.67 44.07 5.42
N THR C 97 6.74 44.83 5.23
CA THR C 97 6.64 46.14 4.62
C THR C 97 5.98 46.06 3.26
N GLN C 98 6.03 44.90 2.62
CA GLN C 98 5.39 44.75 1.31
C GLN C 98 3.87 44.65 1.48
N HIS C 99 3.43 44.15 2.63
CA HIS C 99 2.00 44.01 2.88
C HIS C 99 1.42 45.17 3.67
N GLN C 100 2.29 46.07 4.10
CA GLN C 100 1.87 47.25 4.84
C GLN C 100 1.58 48.36 3.83
N GLU C 101 0.96 49.43 4.29
CA GLU C 101 0.63 50.55 3.41
C GLU C 101 -0.30 50.10 2.27
N ARG C 102 -1.09 49.08 2.59
CA ARG C 102 -2.08 48.53 1.67
C ARG C 102 -3.27 48.29 2.57
N ALA C 103 -4.18 49.26 2.61
CA ALA C 103 -5.37 49.17 3.44
C ALA C 103 -6.13 47.88 3.16
N GLY C 104 -6.77 47.34 4.19
CA GLY C 104 -7.52 46.11 4.00
C GLY C 104 -6.72 44.89 4.39
N VAL C 105 -5.47 44.81 3.92
CA VAL C 105 -4.59 43.70 4.26
C VAL C 105 -4.35 43.71 5.76
N THR C 106 -4.99 42.78 6.48
CA THR C 106 -4.86 42.72 7.93
C THR C 106 -4.60 41.31 8.46
N LYS C 107 -4.45 41.19 9.77
CA LYS C 107 -4.21 39.90 10.39
C LYS C 107 -5.43 39.01 10.17
N GLY C 108 -6.53 39.63 9.80
CA GLY C 108 -7.76 38.90 9.55
C GLY C 108 -7.66 38.09 8.27
N GLY C 109 -7.08 38.72 7.24
CA GLY C 109 -6.92 38.05 5.97
C GLY C 109 -5.98 36.86 6.04
N PHE C 110 -4.89 37.02 6.80
CA PHE C 110 -3.92 35.95 6.94
C PHE C 110 -4.53 34.76 7.67
N SER C 111 -5.40 35.02 8.63
CA SER C 111 -6.05 33.92 9.36
C SER C 111 -6.97 33.18 8.39
N ALA C 112 -7.49 33.93 7.41
CA ALA C 112 -8.39 33.39 6.41
C ALA C 112 -7.59 32.57 5.41
N ILE C 113 -6.46 33.09 4.95
CA ILE C 113 -5.68 32.35 3.99
C ILE C 113 -5.10 31.09 4.64
N ALA C 114 -4.82 31.15 5.93
CA ALA C 114 -4.29 29.98 6.62
C ALA C 114 -5.33 28.89 6.42
N GLN C 115 -6.59 29.21 6.69
CA GLN C 115 -7.67 28.24 6.53
C GLN C 115 -7.76 27.73 5.09
N SER C 116 -7.46 28.61 4.15
CA SER C 116 -7.51 28.26 2.74
C SER C 116 -6.44 27.21 2.44
N PHE C 117 -5.24 27.44 2.96
CA PHE C 117 -4.13 26.51 2.76
C PHE C 117 -4.45 25.18 3.43
N LEU C 118 -5.08 25.24 4.60
CA LEU C 118 -5.42 24.01 5.31
C LEU C 118 -6.44 23.17 4.54
N ARG C 119 -7.16 23.79 3.60
CA ARG C 119 -8.16 23.06 2.82
C ARG C 119 -7.58 22.57 1.48
N VAL C 120 -6.67 23.35 0.91
CA VAL C 120 -6.04 23.01 -0.36
C VAL C 120 -4.95 21.92 -0.23
N MET C 121 -4.06 22.06 0.75
CA MET C 121 -2.98 21.10 0.94
C MET C 121 -3.31 19.60 0.96
N PRO C 122 -4.27 19.17 1.80
CA PRO C 122 -4.59 17.74 1.82
C PRO C 122 -4.99 17.14 0.47
N GLN C 123 -5.51 17.96 -0.43
CA GLN C 123 -5.93 17.49 -1.74
C GLN C 123 -4.76 17.27 -2.66
N VAL C 124 -3.69 18.03 -2.47
CA VAL C 124 -2.52 17.94 -3.33
C VAL C 124 -1.30 17.23 -2.72
N ALA C 125 -1.10 17.39 -1.42
CA ALA C 125 0.04 16.77 -0.74
C ALA C 125 -0.30 15.42 -0.14
N SER C 126 0.68 14.53 -0.15
CA SER C 126 0.51 13.18 0.39
C SER C 126 1.05 13.16 1.81
N CYS C 127 0.34 12.50 2.72
CA CYS C 127 0.80 12.41 4.11
C CYS C 127 0.70 13.74 4.84
N PHE C 128 -0.13 14.64 4.34
CA PHE C 128 -0.27 15.97 4.94
C PHE C 128 -0.57 15.94 6.43
N ASN C 129 0.18 16.73 7.18
CA ASN C 129 -0.01 16.85 8.61
C ASN C 129 -0.43 18.28 8.91
N PRO C 130 -1.75 18.52 9.07
CA PRO C 130 -2.30 19.85 9.34
C PRO C 130 -1.79 20.57 10.59
N ASP C 131 -1.59 19.82 11.68
CA ASP C 131 -1.11 20.44 12.92
C ASP C 131 0.30 21.00 12.74
N ALA C 132 1.22 20.14 12.30
CA ALA C 132 2.60 20.58 12.11
C ALA C 132 2.64 21.68 11.06
N TRP C 133 1.88 21.51 9.98
CA TRP C 133 1.86 22.52 8.93
C TRP C 133 1.36 23.83 9.49
N SER C 134 0.29 23.73 10.26
CA SER C 134 -0.34 24.89 10.85
C SER C 134 0.55 25.68 11.79
N ARG C 135 1.28 25.01 12.68
CA ARG C 135 2.13 25.72 13.62
C ARG C 135 3.20 26.57 12.93
N CYS C 136 3.86 26.01 11.94
CA CYS C 136 4.90 26.75 11.24
C CYS C 136 4.36 27.80 10.25
N PHE C 137 3.15 27.58 9.75
CA PHE C 137 2.54 28.54 8.83
C PHE C 137 2.32 29.81 9.65
N ASN C 138 1.73 29.65 10.83
CA ASN C 138 1.45 30.75 11.75
C ASN C 138 2.74 31.47 12.14
N ARG C 139 3.79 30.69 12.44
CA ARG C 139 5.09 31.25 12.81
C ARG C 139 5.46 32.18 11.66
N ILE C 140 5.31 31.67 10.44
CA ILE C 140 5.64 32.44 9.24
C ILE C 140 4.76 33.69 9.11
N THR C 141 3.46 33.55 9.24
CA THR C 141 2.58 34.71 9.10
C THR C 141 2.83 35.78 10.16
N ASN C 142 3.08 35.35 11.40
CA ASN C 142 3.32 36.31 12.47
C ASN C 142 4.44 37.29 12.20
N GLY C 143 5.38 36.90 11.36
CA GLY C 143 6.47 37.80 11.04
C GLY C 143 6.03 38.72 9.92
N MET C 144 5.01 38.28 9.17
CA MET C 144 4.50 39.06 8.06
C MET C 144 3.42 40.05 8.48
N THR C 145 2.73 39.76 9.57
CA THR C 145 1.66 40.62 10.05
C THR C 145 2.06 41.54 11.19
N GLU C 146 3.37 41.73 11.37
CA GLU C 146 3.88 42.60 12.43
C GLU C 146 3.13 43.91 12.55
N GLY C 147 3.37 44.83 11.62
CA GLY C 147 2.70 46.12 11.69
C GLY C 147 1.39 46.19 10.93
N LEU C 148 0.45 45.30 11.26
CA LEU C 148 -0.84 45.28 10.59
C LEU C 148 -2.00 45.37 11.57
N ALA C 149 -3.16 45.76 11.07
CA ALA C 149 -4.37 45.88 11.87
C ALA C 149 -4.96 44.49 12.08
N GLU C 150 -5.72 44.30 13.16
CA GLU C 150 -6.33 43.00 13.43
C GLU C 150 -7.20 42.49 12.29
N PHE D 3 20.21 -6.50 -29.31
CA PHE D 3 20.14 -5.06 -29.46
C PHE D 3 21.42 -4.32 -29.08
N CYS D 4 21.69 -4.22 -27.78
CA CYS D 4 22.90 -3.57 -27.31
C CYS D 4 23.20 -4.13 -25.92
N SER D 5 24.41 -3.89 -25.43
CA SER D 5 24.85 -4.43 -24.13
C SER D 5 24.21 -3.86 -22.85
N GLU D 6 24.31 -4.63 -21.77
CA GLU D 6 23.76 -4.21 -20.50
C GLU D 6 24.35 -2.86 -20.08
N ALA D 7 25.66 -2.69 -20.23
CA ALA D 7 26.33 -1.44 -19.86
C ALA D 7 25.89 -0.30 -20.78
N ASP D 8 25.81 -0.57 -22.08
CA ASP D 8 25.40 0.45 -23.05
C ASP D 8 23.97 0.92 -22.77
N ALA D 9 23.09 -0.04 -22.53
CA ALA D 9 21.68 0.22 -22.25
C ALA D 9 21.56 0.99 -20.95
N THR D 10 22.28 0.55 -19.93
CA THR D 10 22.29 1.23 -18.64
C THR D 10 22.49 2.72 -18.85
N ILE D 11 23.46 3.07 -19.68
CA ILE D 11 23.74 4.47 -19.93
C ILE D 11 22.57 5.16 -20.62
N VAL D 12 22.08 4.57 -21.70
CA VAL D 12 20.96 5.15 -22.43
C VAL D 12 19.75 5.36 -21.53
N ILE D 13 19.31 4.31 -20.87
CA ILE D 13 18.16 4.38 -19.97
C ILE D 13 18.31 5.52 -18.95
N LYS D 14 19.50 5.63 -18.38
CA LYS D 14 19.78 6.64 -17.38
C LYS D 14 19.73 8.05 -17.97
N GLN D 15 20.32 8.24 -19.15
CA GLN D 15 20.32 9.57 -19.76
C GLN D 15 18.92 9.97 -20.19
N TRP D 16 18.16 8.98 -20.68
CA TRP D 16 16.80 9.22 -21.11
C TRP D 16 15.91 9.65 -19.95
N ASN D 17 15.97 8.90 -18.85
CA ASN D 17 15.16 9.20 -17.67
C ASN D 17 15.46 10.60 -17.14
N GLN D 18 16.63 11.10 -17.47
CA GLN D 18 17.06 12.43 -17.06
C GLN D 18 16.11 13.48 -17.67
N ILE D 19 15.64 13.25 -18.89
CA ILE D 19 14.74 14.21 -19.56
C ILE D 19 13.32 13.68 -19.77
N TYR D 20 13.11 12.39 -19.49
CA TYR D 20 11.78 11.82 -19.65
C TYR D 20 11.45 10.84 -18.53
N ASN D 21 10.33 11.04 -17.88
CA ASN D 21 9.89 10.15 -16.81
C ASN D 21 8.49 10.54 -16.36
N ALA D 22 7.88 9.70 -15.53
CA ALA D 22 6.53 9.95 -15.04
C ALA D 22 6.38 11.31 -14.32
N GLY D 23 7.49 11.88 -13.85
CA GLY D 23 7.40 13.17 -13.17
C GLY D 23 7.59 14.35 -14.08
N ILE D 24 7.71 14.10 -15.39
CA ILE D 24 7.91 15.14 -16.39
C ILE D 24 6.58 15.54 -17.07
N GLY D 25 6.14 16.77 -16.81
CA GLY D 25 4.90 17.25 -17.39
C GLY D 25 4.77 17.07 -18.89
N ALA D 26 3.58 16.65 -19.32
CA ALA D 26 3.32 16.42 -20.75
C ALA D 26 3.69 17.65 -21.59
N LYS D 27 3.62 18.83 -20.99
CA LYS D 27 3.95 20.06 -21.69
C LYS D 27 5.35 19.96 -22.30
N SER D 28 6.36 19.70 -21.48
CA SER D 28 7.71 19.59 -22.01
C SER D 28 7.83 18.37 -22.92
N ARG D 29 6.95 17.39 -22.73
CA ARG D 29 6.98 16.19 -23.55
C ARG D 29 6.61 16.53 -24.98
N TRP D 30 5.68 17.46 -25.20
CA TRP D 30 5.36 17.81 -26.58
C TRP D 30 6.26 18.94 -27.11
N THR D 31 7.06 19.53 -26.24
CA THR D 31 7.99 20.56 -26.71
C THR D 31 9.12 19.77 -27.40
N MET D 32 9.51 18.66 -26.80
CA MET D 32 10.53 17.81 -27.36
C MET D 32 9.96 17.16 -28.62
N GLY D 33 8.68 16.80 -28.55
CA GLY D 33 8.00 16.18 -29.66
C GLY D 33 7.90 17.11 -30.86
N ASN D 34 7.49 18.34 -30.65
CA ASN D 34 7.39 19.27 -31.77
C ASN D 34 8.77 19.50 -32.36
N GLU D 35 9.78 19.67 -31.50
CA GLU D 35 11.14 19.87 -31.99
C GLU D 35 11.57 18.70 -32.85
N ILE D 36 11.35 17.49 -32.36
CA ILE D 36 11.71 16.29 -33.08
C ILE D 36 11.05 16.20 -34.47
N PHE D 37 9.71 16.27 -34.49
CA PHE D 37 8.98 16.19 -35.74
C PHE D 37 9.18 17.39 -36.68
N SER D 38 9.32 18.59 -36.12
CA SER D 38 9.59 19.78 -36.95
C SER D 38 10.89 19.47 -37.70
N SER D 39 11.87 18.94 -36.99
CA SER D 39 13.17 18.59 -37.53
C SER D 39 13.08 17.48 -38.57
N LEU D 40 12.25 16.49 -38.31
CA LEU D 40 12.09 15.39 -39.25
C LEU D 40 11.54 15.94 -40.56
N PHE D 41 10.61 16.88 -40.43
CA PHE D 41 9.99 17.49 -41.59
C PHE D 41 10.97 18.29 -42.46
N LYS D 42 11.90 18.99 -41.83
CA LYS D 42 12.88 19.75 -42.60
C LYS D 42 13.82 18.81 -43.38
N LEU D 43 14.11 17.64 -42.82
CA LEU D 43 14.99 16.68 -43.48
C LEU D 43 14.24 15.84 -44.53
N LYS D 44 12.95 15.63 -44.29
CA LYS D 44 12.10 14.87 -45.21
C LYS D 44 10.73 15.52 -45.28
N PRO D 45 10.60 16.59 -46.06
CA PRO D 45 9.30 17.29 -46.19
C PRO D 45 8.13 16.42 -46.64
N GLU D 46 8.43 15.41 -47.46
CA GLU D 46 7.42 14.52 -48.01
C GLU D 46 6.74 13.59 -47.00
N SER D 47 7.24 13.56 -45.77
CA SER D 47 6.64 12.70 -44.74
C SER D 47 5.60 13.44 -43.90
N GLU D 48 5.67 14.78 -43.90
CA GLU D 48 4.71 15.56 -43.13
C GLU D 48 3.26 15.18 -43.47
N VAL D 49 3.00 14.93 -44.75
CA VAL D 49 1.64 14.54 -45.19
C VAL D 49 1.16 13.29 -44.46
N LEU D 50 2.08 12.37 -44.20
CA LEU D 50 1.75 11.13 -43.50
C LEU D 50 1.05 11.36 -42.15
N PHE D 51 1.22 12.54 -41.57
CA PHE D 51 0.64 12.84 -40.28
C PHE D 51 -0.65 13.65 -40.34
N ASN D 52 -1.40 13.49 -41.42
CA ASN D 52 -2.65 14.23 -41.59
C ASN D 52 -3.78 13.85 -40.64
N ASN D 53 -3.91 12.58 -40.29
CA ASN D 53 -4.98 12.20 -39.38
C ASN D 53 -4.82 12.70 -37.96
N VAL D 54 -3.60 13.11 -37.59
CA VAL D 54 -3.35 13.64 -36.26
C VAL D 54 -3.14 15.15 -36.33
N ASN D 55 -3.73 15.73 -37.36
CA ASN D 55 -3.71 17.19 -37.58
C ASN D 55 -2.33 17.82 -37.53
N VAL D 56 -1.42 17.33 -38.36
CA VAL D 56 -0.07 17.87 -38.40
C VAL D 56 -0.01 19.29 -39.00
N ALA D 57 -1.15 19.74 -39.54
CA ALA D 57 -1.23 21.08 -40.12
C ALA D 57 -1.15 22.09 -38.99
N ASN D 58 -1.52 21.64 -37.79
CA ASN D 58 -1.47 22.46 -36.58
C ASN D 58 -0.82 21.67 -35.45
N MET D 59 0.51 21.73 -35.41
CA MET D 59 1.30 21.02 -34.42
C MET D 59 1.06 21.43 -32.96
N SER D 60 0.11 22.34 -32.75
CA SER D 60 -0.25 22.78 -31.42
C SER D 60 -1.63 22.25 -31.07
N SER D 61 -2.18 21.42 -31.96
CA SER D 61 -3.50 20.83 -31.77
C SER D 61 -3.49 19.64 -30.81
N GLY D 62 -4.54 19.54 -30.00
CA GLY D 62 -4.64 18.44 -29.06
C GLY D 62 -4.32 17.12 -29.72
N ALA D 63 -4.79 16.95 -30.95
CA ALA D 63 -4.56 15.70 -31.67
C ALA D 63 -3.09 15.42 -31.97
N PHE D 64 -2.35 16.43 -32.43
CA PHE D 64 -0.94 16.20 -32.74
C PHE D 64 -0.11 16.07 -31.45
N HIS D 65 -0.39 16.92 -30.46
CA HIS D 65 0.32 16.88 -29.18
C HIS D 65 0.23 15.46 -28.65
N ALA D 66 -0.97 14.90 -28.72
CA ALA D 66 -1.22 13.53 -28.26
C ALA D 66 -0.41 12.55 -29.09
N HIS D 67 -0.25 12.84 -30.38
CA HIS D 67 0.52 11.93 -31.23
C HIS D 67 1.96 11.84 -30.74
N THR D 68 2.61 12.99 -30.61
CA THR D 68 4.00 13.03 -30.15
C THR D 68 4.15 12.43 -28.75
N VAL D 69 3.19 12.72 -27.86
CA VAL D 69 3.24 12.16 -26.52
C VAL D 69 3.26 10.64 -26.66
N ARG D 70 2.44 10.14 -27.59
CA ARG D 70 2.31 8.72 -27.87
C ARG D 70 3.61 8.12 -28.43
N VAL D 71 4.32 8.89 -29.26
CA VAL D 71 5.56 8.42 -29.88
C VAL D 71 6.71 8.39 -28.87
N LEU D 72 6.83 9.47 -28.10
CA LEU D 72 7.86 9.53 -27.09
C LEU D 72 7.60 8.40 -26.09
N SER D 73 6.32 8.07 -25.87
CA SER D 73 5.95 7.01 -24.95
C SER D 73 6.41 5.64 -25.48
N GLY D 74 6.36 5.46 -26.79
CA GLY D 74 6.82 4.22 -27.38
C GLY D 74 8.33 4.12 -27.25
N LEU D 75 9.00 5.22 -27.58
CA LEU D 75 10.46 5.28 -27.50
C LEU D 75 10.84 4.94 -26.05
N ASP D 76 10.08 5.47 -25.10
CA ASP D 76 10.31 5.23 -23.69
C ASP D 76 10.23 3.74 -23.39
N MET D 77 9.24 3.07 -23.96
CA MET D 77 9.09 1.64 -23.73
C MET D 77 10.25 0.87 -24.32
N GLY D 78 10.69 1.26 -25.51
CA GLY D 78 11.81 0.57 -26.13
C GLY D 78 13.07 0.70 -25.30
N ILE D 79 13.38 1.92 -24.91
CA ILE D 79 14.56 2.19 -24.11
C ILE D 79 14.55 1.42 -22.81
N ASN D 80 13.44 1.49 -22.07
CA ASN D 80 13.31 0.82 -20.80
C ASN D 80 13.25 -0.70 -20.89
N TYR D 81 13.24 -1.22 -22.11
CA TYR D 81 13.20 -2.67 -22.29
C TYR D 81 14.45 -3.20 -23.00
N LEU D 82 15.44 -2.34 -23.18
CA LEU D 82 16.66 -2.75 -23.85
C LEU D 82 17.29 -3.99 -23.23
N ASN D 83 17.26 -4.10 -21.91
CA ASN D 83 17.85 -5.27 -21.27
C ASN D 83 16.88 -6.43 -21.11
N ASP D 84 15.87 -6.48 -21.99
CA ASP D 84 14.89 -7.56 -21.98
C ASP D 84 14.66 -7.90 -23.46
N ALA D 85 15.72 -8.41 -24.08
CA ALA D 85 15.73 -8.76 -25.50
C ALA D 85 14.45 -9.44 -26.00
N GLY D 86 13.94 -10.39 -25.22
CA GLY D 86 12.73 -11.07 -25.63
C GLY D 86 11.54 -10.14 -25.76
N THR D 87 11.22 -9.45 -24.66
CA THR D 87 10.10 -8.53 -24.66
C THR D 87 10.25 -7.41 -25.66
N LEU D 88 11.48 -6.96 -25.90
CA LEU D 88 11.70 -5.86 -26.84
C LEU D 88 11.49 -6.31 -28.28
N THR D 89 11.86 -7.55 -28.59
CA THR D 89 11.65 -8.07 -29.93
C THR D 89 10.16 -8.03 -30.20
N SER D 90 9.39 -8.43 -29.19
CA SER D 90 7.94 -8.41 -29.27
C SER D 90 7.40 -6.98 -29.39
N LEU D 91 7.87 -6.09 -28.52
CA LEU D 91 7.47 -4.68 -28.50
C LEU D 91 7.76 -3.97 -29.82
N THR D 92 8.88 -4.33 -30.43
CA THR D 92 9.28 -3.73 -31.70
C THR D 92 8.52 -4.32 -32.88
N ALA D 93 8.15 -5.59 -32.80
CA ALA D 93 7.38 -6.22 -33.89
C ALA D 93 6.03 -5.52 -33.96
N HIS D 94 5.45 -5.27 -32.79
CA HIS D 94 4.15 -4.59 -32.67
C HIS D 94 4.26 -3.18 -33.28
N LEU D 95 5.29 -2.45 -32.85
CA LEU D 95 5.54 -1.10 -33.35
C LEU D 95 5.70 -1.11 -34.87
N ALA D 96 6.39 -2.14 -35.36
CA ALA D 96 6.62 -2.32 -36.78
C ALA D 96 5.28 -2.45 -37.50
N ALA D 97 4.41 -3.30 -36.98
CA ALA D 97 3.09 -3.51 -37.59
C ALA D 97 2.33 -2.19 -37.65
N GLN D 98 2.46 -1.37 -36.61
CA GLN D 98 1.76 -0.09 -36.57
C GLN D 98 2.29 0.91 -37.59
N HIS D 99 3.48 0.65 -38.13
CA HIS D 99 4.02 1.57 -39.11
C HIS D 99 3.88 1.09 -40.54
N VAL D 100 4.13 -0.20 -40.78
CA VAL D 100 3.98 -0.75 -42.12
C VAL D 100 2.59 -0.42 -42.66
N ALA D 101 1.58 -0.55 -41.80
CA ALA D 101 0.20 -0.27 -42.17
C ALA D 101 0.03 1.12 -42.78
N ARG D 102 0.87 2.06 -42.36
CA ARG D 102 0.81 3.42 -42.87
C ARG D 102 1.48 3.49 -44.25
N THR D 103 0.67 3.42 -45.32
CA THR D 103 1.22 3.49 -46.67
C THR D 103 1.92 4.84 -46.86
N GLY D 104 3.11 4.80 -47.49
CA GLY D 104 3.88 6.01 -47.71
C GLY D 104 5.12 6.08 -46.83
N LEU D 105 5.15 5.23 -45.80
CA LEU D 105 6.27 5.20 -44.87
C LEU D 105 7.49 4.50 -45.45
N LYS D 106 8.53 5.28 -45.73
CA LYS D 106 9.77 4.77 -46.30
C LYS D 106 10.77 4.46 -45.20
N ALA D 107 11.47 3.33 -45.34
CA ALA D 107 12.48 2.94 -44.36
C ALA D 107 13.43 4.11 -44.10
N VAL D 108 13.82 4.79 -45.18
CA VAL D 108 14.72 5.93 -45.09
C VAL D 108 14.22 7.03 -44.17
N TYR D 109 12.90 7.12 -44.01
CA TYR D 109 12.36 8.14 -43.13
C TYR D 109 12.78 7.84 -41.70
N PHE D 110 12.93 6.55 -41.39
CA PHE D 110 13.35 6.14 -40.05
C PHE D 110 14.82 6.48 -39.81
N ASP D 111 15.60 6.55 -40.87
CA ASP D 111 17.00 6.90 -40.73
C ASP D 111 17.07 8.37 -40.36
N ALA D 112 16.25 9.17 -41.04
CA ALA D 112 16.20 10.59 -40.80
C ALA D 112 15.86 10.84 -39.33
N MET D 113 14.88 10.09 -38.81
CA MET D 113 14.47 10.24 -37.40
C MET D 113 15.70 9.95 -36.54
N GLY D 114 16.44 8.91 -36.92
CA GLY D 114 17.64 8.53 -36.21
C GLY D 114 18.60 9.70 -36.08
N LYS D 115 18.87 10.38 -37.19
CA LYS D 115 19.77 11.53 -37.20
C LYS D 115 19.19 12.70 -36.41
N VAL D 116 17.87 12.81 -36.39
CA VAL D 116 17.22 13.89 -35.66
C VAL D 116 17.39 13.66 -34.16
N LEU D 117 17.15 12.43 -33.72
CA LEU D 117 17.31 12.16 -32.31
C LEU D 117 18.75 12.42 -31.90
N MET D 118 19.71 11.91 -32.69
CA MET D 118 21.12 12.10 -32.38
C MET D 118 21.56 13.55 -32.41
N THR D 119 20.73 14.42 -32.99
CA THR D 119 21.04 15.82 -33.08
C THR D 119 20.42 16.60 -31.95
N VAL D 120 19.17 16.25 -31.62
CA VAL D 120 18.40 16.93 -30.58
C VAL D 120 18.73 16.50 -29.14
N LEU D 121 18.78 15.20 -28.89
CA LEU D 121 19.08 14.70 -27.55
C LEU D 121 20.30 15.35 -26.87
N PRO D 122 21.41 15.56 -27.61
CA PRO D 122 22.56 16.19 -26.97
C PRO D 122 22.25 17.59 -26.44
N SER D 123 21.33 18.29 -27.08
CA SER D 123 20.98 19.63 -26.61
C SER D 123 20.20 19.50 -25.31
N LEU D 124 19.60 18.34 -25.10
CA LEU D 124 18.77 18.10 -23.90
C LEU D 124 19.43 17.35 -22.75
N ILE D 125 20.24 16.35 -23.08
CA ILE D 125 20.89 15.51 -22.09
C ILE D 125 22.30 15.94 -21.67
N ASP D 126 22.62 15.74 -20.39
CA ASP D 126 23.92 16.05 -19.82
C ASP D 126 24.91 14.94 -20.19
N ASN D 127 26.01 15.33 -20.83
CA ASN D 127 27.04 14.38 -21.25
C ASN D 127 26.50 13.30 -22.14
N PHE D 128 25.68 13.69 -23.09
CA PHE D 128 25.08 12.77 -24.04
C PHE D 128 26.13 11.82 -24.58
N ASN D 129 25.82 10.52 -24.58
CA ASN D 129 26.76 9.54 -25.11
C ASN D 129 26.34 9.05 -26.50
N PRO D 130 26.74 9.76 -27.57
CA PRO D 130 26.37 9.35 -28.92
C PRO D 130 26.70 7.90 -29.28
N ASP D 131 27.74 7.34 -28.68
CA ASP D 131 28.13 5.95 -28.98
C ASP D 131 27.22 4.92 -28.35
N ALA D 132 26.89 5.10 -27.08
CA ALA D 132 26.01 4.16 -26.41
C ALA D 132 24.61 4.25 -27.02
N TRP D 133 24.23 5.46 -27.44
CA TRP D 133 22.91 5.64 -28.03
C TRP D 133 22.85 5.01 -29.39
N ARG D 134 23.87 5.26 -30.20
CA ARG D 134 23.92 4.68 -31.52
C ARG D 134 23.86 3.16 -31.38
N ASN D 135 24.62 2.61 -30.44
CA ASN D 135 24.62 1.16 -30.24
C ASN D 135 23.23 0.63 -29.90
N CYS D 136 22.45 1.38 -29.14
CA CYS D 136 21.13 0.93 -28.76
C CYS D 136 20.03 1.39 -29.70
N LEU D 137 20.06 2.64 -30.10
CA LEU D 137 19.03 3.17 -31.00
C LEU D 137 18.94 2.47 -32.35
N LEU D 138 20.09 2.28 -33.00
CA LEU D 138 20.13 1.66 -34.31
C LEU D 138 19.38 0.32 -34.33
N PRO D 139 19.66 -0.56 -33.36
CA PRO D 139 18.97 -1.85 -33.31
C PRO D 139 17.46 -1.66 -33.22
N LEU D 140 17.04 -0.77 -32.32
CA LEU D 140 15.62 -0.46 -32.15
C LEU D 140 15.06 0.03 -33.48
N LYS D 141 15.78 0.98 -34.09
CA LYS D 141 15.36 1.57 -35.34
C LYS D 141 15.18 0.54 -36.44
N ASN D 142 16.15 -0.35 -36.59
CA ASN D 142 16.06 -1.35 -37.65
C ASN D 142 14.87 -2.28 -37.42
N ALA D 143 14.61 -2.62 -36.16
CA ALA D 143 13.52 -3.51 -35.80
C ALA D 143 12.14 -2.89 -35.95
N ILE D 144 12.04 -1.58 -35.76
CA ILE D 144 10.77 -0.90 -35.90
C ILE D 144 10.46 -0.62 -37.37
N ALA D 145 11.50 -0.39 -38.16
CA ALA D 145 11.33 -0.12 -39.59
C ALA D 145 11.53 -1.38 -40.44
N LYS D 146 11.57 -2.53 -39.78
CA LYS D 146 11.74 -3.82 -40.45
C LYS D 146 10.47 -4.16 -41.24
N GLY D 147 10.58 -4.12 -42.56
CA GLY D 147 9.43 -4.44 -43.40
C GLY D 147 8.94 -3.23 -44.18
N LEU D 148 9.51 -2.06 -43.89
CA LEU D 148 9.14 -0.85 -44.60
C LEU D 148 9.94 -0.81 -45.90
N PRO D 149 9.34 -0.28 -46.98
CA PRO D 149 10.03 -0.20 -48.28
C PRO D 149 11.03 0.96 -48.34
N ASP E 1 -22.87 -10.01 -0.76
CA ASP E 1 -21.77 -9.18 -0.28
C ASP E 1 -21.04 -9.80 0.90
N CYS E 2 -19.71 -9.90 0.74
CA CYS E 2 -18.83 -10.45 1.77
C CYS E 2 -19.08 -11.92 2.11
N ASN E 3 -18.79 -12.81 1.15
CA ASN E 3 -19.00 -14.24 1.36
C ASN E 3 -17.93 -14.83 2.29
N ILE E 4 -18.17 -16.05 2.78
CA ILE E 4 -17.24 -16.70 3.70
C ILE E 4 -15.77 -16.56 3.30
N LEU E 5 -15.45 -16.77 2.02
CA LEU E 5 -14.07 -16.65 1.55
C LEU E 5 -13.50 -15.23 1.65
N GLN E 6 -14.29 -14.25 1.25
CA GLN E 6 -13.83 -12.87 1.29
C GLN E 6 -13.48 -12.50 2.73
N ARG E 7 -14.22 -13.08 3.67
CA ARG E 7 -14.00 -12.85 5.09
C ARG E 7 -12.68 -13.45 5.55
N LEU E 8 -12.38 -14.64 5.07
CA LEU E 8 -11.14 -15.28 5.45
C LEU E 8 -9.96 -14.44 4.97
N LYS E 9 -10.08 -13.85 3.79
CA LYS E 9 -9.00 -13.05 3.26
C LYS E 9 -8.84 -11.71 4.01
N VAL E 10 -9.96 -11.00 4.19
CA VAL E 10 -9.92 -9.72 4.89
C VAL E 10 -9.37 -9.90 6.31
N LYS E 11 -9.66 -11.06 6.94
CA LYS E 11 -9.14 -11.33 8.29
C LYS E 11 -7.62 -11.49 8.24
N MET E 12 -7.15 -12.19 7.21
CA MET E 12 -5.73 -12.45 6.97
C MET E 12 -5.01 -11.11 6.74
N GLN E 13 -5.45 -10.38 5.72
CA GLN E 13 -4.85 -9.11 5.37
C GLN E 13 -4.91 -8.08 6.50
N TRP E 14 -5.99 -8.06 7.28
CA TRP E 14 -6.09 -7.12 8.37
C TRP E 14 -5.05 -7.42 9.45
N ALA E 15 -4.97 -8.67 9.89
CA ALA E 15 -3.99 -9.06 10.90
C ALA E 15 -2.57 -8.62 10.51
N LYS E 16 -2.16 -8.96 9.29
CA LYS E 16 -0.86 -8.58 8.79
C LYS E 16 -0.66 -7.05 8.85
N ALA E 17 -1.60 -6.30 8.27
CA ALA E 17 -1.50 -4.86 8.25
C ALA E 17 -1.56 -4.24 9.63
N TYR E 18 -2.40 -4.81 10.50
CA TYR E 18 -2.58 -4.33 11.87
C TYR E 18 -1.29 -4.44 12.69
N GLY E 19 -0.70 -5.63 12.70
CA GLY E 19 0.55 -5.84 13.41
C GLY E 19 0.50 -5.92 14.92
N PHE E 20 1.67 -5.80 15.54
CA PHE E 20 1.81 -5.86 16.99
C PHE E 20 2.43 -4.59 17.56
N GLY E 21 2.59 -4.58 18.88
CA GLY E 21 3.19 -3.45 19.56
C GLY E 21 2.72 -2.07 19.10
N THR E 22 3.65 -1.12 19.09
CA THR E 22 3.33 0.25 18.67
C THR E 22 2.86 0.32 17.23
N GLU E 23 3.18 -0.69 16.44
CA GLU E 23 2.79 -0.70 15.04
C GLU E 23 1.28 -0.51 14.88
N ARG E 24 0.52 -0.80 15.93
CA ARG E 24 -0.93 -0.64 15.89
C ARG E 24 -1.29 0.83 16.01
N ALA E 25 -0.59 1.51 16.89
CA ALA E 25 -0.83 2.93 17.12
C ALA E 25 -0.54 3.67 15.81
N LYS E 26 0.57 3.30 15.18
CA LYS E 26 0.99 3.91 13.92
C LYS E 26 -0.09 3.72 12.86
N PHE E 27 -0.55 2.47 12.72
CA PHE E 27 -1.58 2.13 11.78
C PHE E 27 -2.78 3.03 12.07
N GLY E 28 -3.12 3.12 13.36
CA GLY E 28 -4.25 3.93 13.77
C GLY E 28 -4.07 5.41 13.49
N ASN E 29 -2.88 5.94 13.72
CA ASN E 29 -2.66 7.35 13.46
C ASN E 29 -2.76 7.62 11.98
N SER E 30 -2.28 6.71 11.14
CA SER E 30 -2.36 6.90 9.70
C SER E 30 -3.82 6.93 9.27
N LEU E 31 -4.59 5.97 9.77
CA LEU E 31 -6.01 5.86 9.45
C LEU E 31 -6.74 7.16 9.70
N TRP E 32 -6.54 7.72 10.89
CA TRP E 32 -7.23 8.95 11.22
C TRP E 32 -6.63 10.17 10.53
N THR E 33 -5.34 10.14 10.23
CA THR E 33 -4.75 11.26 9.50
C THR E 33 -5.42 11.30 8.13
N SER E 34 -5.63 10.11 7.54
CA SER E 34 -6.27 10.03 6.23
C SER E 34 -7.77 10.38 6.31
N ILE E 35 -8.46 9.86 7.32
CA ILE E 35 -9.88 10.21 7.43
C ILE E 35 -10.03 11.74 7.45
N PHE E 36 -9.19 12.42 8.24
CA PHE E 36 -9.29 13.87 8.31
C PHE E 36 -8.74 14.61 7.10
N ASN E 37 -7.88 13.97 6.32
CA ASN E 37 -7.38 14.65 5.12
C ASN E 37 -8.41 14.47 4.00
N TYR E 38 -9.12 13.35 4.03
CA TYR E 38 -10.15 13.09 3.03
C TYR E 38 -11.33 14.03 3.25
N ALA E 39 -11.65 14.28 4.52
CA ALA E 39 -12.79 15.14 4.89
C ALA E 39 -12.50 15.96 6.14
N PRO E 40 -11.82 17.11 5.99
CA PRO E 40 -11.47 17.98 7.12
C PRO E 40 -12.68 18.37 7.99
N ASP E 41 -13.86 18.40 7.38
CA ASP E 41 -15.07 18.75 8.11
C ASP E 41 -15.44 17.73 9.16
N ALA E 42 -15.01 16.48 8.95
CA ALA E 42 -15.31 15.41 9.90
C ALA E 42 -14.56 15.53 11.22
N ARG E 43 -13.49 16.32 11.22
CA ARG E 43 -12.69 16.49 12.42
C ARG E 43 -13.43 17.12 13.60
N ASP E 44 -14.34 18.04 13.31
CA ASP E 44 -15.11 18.72 14.36
C ASP E 44 -16.16 17.85 15.04
N LEU E 45 -16.39 16.65 14.52
CA LEU E 45 -17.37 15.75 15.12
C LEU E 45 -16.73 15.05 16.31
N PHE E 46 -15.42 15.20 16.44
CA PHE E 46 -14.66 14.56 17.49
C PHE E 46 -14.07 15.47 18.57
N LYS E 47 -14.67 16.64 18.77
CA LYS E 47 -14.17 17.55 19.79
C LYS E 47 -14.21 16.86 21.16
N SER E 48 -15.13 15.91 21.33
CA SER E 48 -15.24 15.18 22.59
C SER E 48 -14.00 14.34 22.88
N VAL E 49 -13.12 14.19 21.90
CA VAL E 49 -11.89 13.40 22.09
C VAL E 49 -10.65 14.19 21.72
N LYS E 50 -10.73 15.51 21.84
CA LYS E 50 -9.64 16.42 21.51
C LYS E 50 -8.99 16.14 20.15
N SER E 51 -9.82 16.03 19.12
CA SER E 51 -9.33 15.79 17.77
C SER E 51 -8.49 16.96 17.25
N GLU E 52 -8.58 18.13 17.89
CA GLU E 52 -7.80 19.28 17.45
C GLU E 52 -6.31 19.03 17.71
N ASP E 53 -6.02 18.07 18.56
CA ASP E 53 -4.63 17.71 18.86
C ASP E 53 -4.52 16.20 18.72
N MET E 54 -4.00 15.74 17.60
CA MET E 54 -3.90 14.31 17.37
C MET E 54 -2.88 13.53 18.18
N ARG E 55 -1.97 14.23 18.86
CA ARG E 55 -0.97 13.53 19.67
C ARG E 55 -1.39 13.56 21.14
N SER E 56 -2.60 14.08 21.39
CA SER E 56 -3.14 14.18 22.74
C SER E 56 -3.54 12.80 23.28
N PRO E 57 -3.30 12.57 24.58
CA PRO E 57 -3.66 11.27 25.17
C PRO E 57 -5.14 10.93 25.00
N GLN E 58 -5.99 11.93 24.87
CA GLN E 58 -7.42 11.67 24.72
C GLN E 58 -7.74 11.18 23.33
N PHE E 59 -7.14 11.80 22.32
CA PHE E 59 -7.40 11.38 20.96
C PHE E 59 -6.72 10.06 20.62
N LYS E 60 -5.60 9.77 21.29
CA LYS E 60 -4.92 8.51 21.02
C LYS E 60 -5.72 7.36 21.61
N ALA E 61 -6.44 7.65 22.68
CA ALA E 61 -7.25 6.64 23.32
C ALA E 61 -8.42 6.32 22.37
N HIS E 62 -8.93 7.35 21.71
CA HIS E 62 -10.03 7.17 20.78
C HIS E 62 -9.52 6.31 19.63
N ILE E 63 -8.34 6.64 19.11
CA ILE E 63 -7.75 5.89 18.02
C ILE E 63 -7.68 4.41 18.39
N ALA E 64 -7.12 4.12 19.57
CA ALA E 64 -7.00 2.74 20.04
C ALA E 64 -8.36 2.02 20.16
N ARG E 65 -9.38 2.73 20.63
CA ARG E 65 -10.71 2.14 20.78
C ARG E 65 -11.32 1.74 19.43
N VAL E 66 -11.15 2.60 18.43
CA VAL E 66 -11.67 2.37 17.09
C VAL E 66 -11.01 1.19 16.38
N ILE E 67 -9.67 1.14 16.38
CA ILE E 67 -9.00 0.04 15.71
C ILE E 67 -9.22 -1.22 16.53
N GLY E 68 -9.49 -1.04 17.83
CA GLY E 68 -9.79 -2.16 18.69
C GLY E 68 -11.17 -2.66 18.27
N GLY E 69 -12.03 -1.74 17.81
CA GLY E 69 -13.35 -2.11 17.37
C GLY E 69 -13.25 -2.88 16.05
N LEU E 70 -12.50 -2.31 15.10
CA LEU E 70 -12.33 -2.96 13.80
C LEU E 70 -11.76 -4.38 13.98
N ASP E 71 -10.80 -4.52 14.88
CA ASP E 71 -10.17 -5.81 15.13
C ASP E 71 -11.12 -6.88 15.71
N ARG E 72 -12.00 -6.50 16.63
CA ARG E 72 -12.91 -7.48 17.22
C ARG E 72 -14.03 -7.81 16.23
N VAL E 73 -14.48 -6.82 15.47
CA VAL E 73 -15.53 -7.04 14.48
C VAL E 73 -14.98 -8.01 13.42
N ILE E 74 -13.84 -7.66 12.84
CA ILE E 74 -13.21 -8.52 11.84
C ILE E 74 -12.93 -9.93 12.36
N SER E 75 -12.54 -10.05 13.62
CA SER E 75 -12.27 -11.38 14.17
C SER E 75 -13.56 -12.20 14.22
N MET E 76 -14.68 -11.56 14.52
CA MET E 76 -15.96 -12.26 14.59
C MET E 76 -16.62 -12.37 13.21
N PHE E 77 -15.92 -12.01 12.14
CA PHE E 77 -16.50 -12.06 10.80
C PHE E 77 -17.10 -13.45 10.45
N ASP E 78 -16.56 -14.52 11.01
CA ASP E 78 -17.05 -15.86 10.71
C ASP E 78 -18.07 -16.42 11.70
N ASN E 79 -18.79 -15.55 12.38
CA ASN E 79 -19.83 -15.97 13.32
C ASN E 79 -20.88 -14.88 13.39
N GLU E 80 -21.91 -15.05 12.58
CA GLU E 80 -23.01 -14.10 12.44
C GLU E 80 -23.61 -13.60 13.71
N ASP E 81 -24.03 -14.53 14.57
CA ASP E 81 -24.66 -14.16 15.82
C ASP E 81 -23.79 -13.21 16.64
N ALA E 82 -22.56 -13.62 16.94
CA ALA E 82 -21.63 -12.79 17.72
C ALA E 82 -21.36 -11.47 17.00
N LEU E 83 -21.06 -11.55 15.70
CA LEU E 83 -20.78 -10.38 14.88
C LEU E 83 -21.92 -9.38 14.86
N ASN E 84 -23.11 -9.82 14.44
CA ASN E 84 -24.25 -8.93 14.40
C ASN E 84 -24.59 -8.34 15.77
N ALA E 85 -24.32 -9.06 16.85
CA ALA E 85 -24.64 -8.53 18.17
C ALA E 85 -23.73 -7.34 18.49
N ASP E 86 -22.46 -7.44 18.11
CA ASP E 86 -21.49 -6.38 18.35
C ASP E 86 -21.74 -5.19 17.43
N LEU E 87 -22.15 -5.48 16.19
CA LEU E 87 -22.45 -4.42 15.25
C LEU E 87 -23.62 -3.60 15.79
N GLU E 88 -24.56 -4.30 16.42
CA GLU E 88 -25.74 -3.67 17.00
C GLU E 88 -25.26 -2.81 18.18
N HIS E 89 -24.37 -3.37 18.97
CA HIS E 89 -23.82 -2.70 20.13
C HIS E 89 -23.15 -1.39 19.71
N LEU E 90 -22.36 -1.48 18.63
CA LEU E 90 -21.65 -0.32 18.09
C LEU E 90 -22.64 0.67 17.50
N LYS E 91 -23.67 0.16 16.84
CA LYS E 91 -24.72 1.00 16.25
C LYS E 91 -25.34 1.80 17.39
N SER E 92 -25.62 1.09 18.49
CA SER E 92 -26.19 1.65 19.70
C SER E 92 -25.38 2.84 20.27
N GLN E 93 -24.06 2.77 20.15
CA GLN E 93 -23.21 3.86 20.65
C GLN E 93 -23.12 5.04 19.68
N HIS E 94 -23.27 4.76 18.39
CA HIS E 94 -23.17 5.82 17.38
C HIS E 94 -24.50 6.53 17.05
N ASP E 95 -25.60 5.78 17.05
CA ASP E 95 -26.92 6.37 16.74
C ASP E 95 -27.25 7.69 17.43
N PRO E 96 -27.16 7.74 18.76
CA PRO E 96 -27.48 9.00 19.45
C PRO E 96 -26.64 10.19 18.99
N ARG E 97 -25.57 9.91 18.25
CA ARG E 97 -24.71 10.99 17.80
C ARG E 97 -25.15 11.57 16.47
N GLY E 98 -26.19 10.98 15.89
CA GLY E 98 -26.74 11.45 14.62
C GLY E 98 -25.74 11.85 13.56
N LEU E 99 -24.83 10.94 13.24
CA LEU E 99 -23.78 11.15 12.24
C LEU E 99 -24.29 10.96 10.82
N ASP E 100 -23.77 11.78 9.91
CA ASP E 100 -24.16 11.69 8.50
C ASP E 100 -23.54 10.37 8.02
N ALA E 101 -24.36 9.44 7.51
CA ALA E 101 -23.84 8.16 7.06
C ALA E 101 -22.74 8.26 5.99
N LEU E 102 -22.70 9.37 5.26
CA LEU E 102 -21.67 9.53 4.23
C LEU E 102 -20.27 9.48 4.85
N ASN E 103 -20.16 9.85 6.12
CA ASN E 103 -18.87 9.82 6.80
C ASN E 103 -18.33 8.40 6.91
N PHE E 104 -19.22 7.42 6.96
CA PHE E 104 -18.79 6.03 7.02
C PHE E 104 -18.21 5.57 5.68
N VAL E 105 -18.56 6.28 4.61
CA VAL E 105 -18.05 5.97 3.29
C VAL E 105 -16.61 6.50 3.23
N VAL E 106 -16.38 7.67 3.80
CA VAL E 106 -15.05 8.25 3.83
C VAL E 106 -14.17 7.34 4.69
N PHE E 107 -14.67 7.00 5.87
CA PHE E 107 -13.93 6.12 6.77
C PHE E 107 -13.42 4.87 6.04
N GLY E 108 -14.29 4.25 5.25
CA GLY E 108 -13.91 3.05 4.52
C GLY E 108 -12.78 3.30 3.54
N LYS E 109 -12.85 4.42 2.83
CA LYS E 109 -11.82 4.78 1.86
C LYS E 109 -10.50 4.79 2.62
N ALA E 110 -10.44 5.56 3.70
CA ALA E 110 -9.24 5.67 4.53
C ALA E 110 -8.78 4.29 5.06
N LEU E 111 -9.71 3.46 5.51
CA LEU E 111 -9.33 2.12 5.99
C LEU E 111 -8.65 1.33 4.87
N PHE E 112 -9.21 1.37 3.65
CA PHE E 112 -8.63 0.65 2.52
C PHE E 112 -7.24 1.20 2.19
N ALA E 113 -7.13 2.52 2.12
CA ALA E 113 -5.84 3.13 1.82
C ALA E 113 -4.79 2.79 2.89
N THR E 114 -5.23 2.66 4.14
CA THR E 114 -4.30 2.33 5.22
C THR E 114 -3.94 0.85 5.26
N VAL E 115 -4.91 -0.05 5.13
CA VAL E 115 -4.57 -1.47 5.14
C VAL E 115 -3.85 -1.79 3.82
N GLY E 116 -4.37 -1.23 2.74
CA GLY E 116 -3.76 -1.47 1.44
C GLY E 116 -2.32 -1.00 1.43
N GLY E 117 -2.08 0.23 1.91
CA GLY E 117 -0.74 0.79 1.94
C GLY E 117 0.22 0.07 2.85
N GLN E 118 -0.33 -0.69 3.79
CA GLN E 118 0.49 -1.43 4.73
C GLN E 118 0.72 -2.86 4.24
N PHE E 119 -0.35 -3.50 3.78
CA PHE E 119 -0.27 -4.88 3.31
C PHE E 119 0.52 -4.95 2.00
N GLY E 120 0.39 -3.94 1.17
CA GLY E 120 1.10 -3.96 -0.09
C GLY E 120 0.20 -4.28 -1.28
N VAL E 121 0.84 -4.57 -2.39
CA VAL E 121 0.17 -4.85 -3.65
C VAL E 121 -0.90 -5.94 -3.77
N CYS E 122 -0.85 -6.99 -2.94
CA CYS E 122 -1.86 -8.03 -3.05
C CYS E 122 -3.12 -7.78 -2.24
N PHE E 123 -3.32 -6.53 -1.86
CA PHE E 123 -4.49 -6.10 -1.12
C PHE E 123 -5.71 -6.40 -2.02
N ASP E 124 -6.77 -6.91 -1.42
CA ASP E 124 -7.96 -7.25 -2.17
C ASP E 124 -9.06 -6.18 -1.97
N LEU E 125 -8.91 -5.06 -2.66
CA LEU E 125 -9.89 -3.96 -2.57
C LEU E 125 -11.33 -4.47 -2.78
N PRO E 126 -11.57 -5.32 -3.80
CA PRO E 126 -12.96 -5.78 -3.98
C PRO E 126 -13.51 -6.46 -2.71
N ALA E 127 -12.72 -7.36 -2.13
CA ALA E 127 -13.12 -8.11 -0.94
C ALA E 127 -13.41 -7.17 0.23
N TRP E 128 -12.51 -6.22 0.44
CA TRP E 128 -12.66 -5.26 1.51
C TRP E 128 -13.84 -4.30 1.32
N GLU E 129 -14.11 -3.89 0.08
CA GLU E 129 -15.25 -3.00 -0.12
C GLU E 129 -16.54 -3.70 0.27
N SER E 130 -16.66 -4.98 -0.13
CA SER E 130 -17.84 -5.79 0.17
C SER E 130 -18.02 -6.05 1.65
N CYS E 131 -16.92 -6.34 2.33
CA CYS E 131 -17.01 -6.65 3.74
C CYS E 131 -17.11 -5.41 4.62
N TYR E 132 -16.44 -4.33 4.24
CA TYR E 132 -16.56 -3.15 5.05
C TYR E 132 -18.02 -2.72 5.02
N LYS E 133 -18.67 -2.93 3.87
CA LYS E 133 -20.07 -2.55 3.72
C LYS E 133 -20.93 -3.25 4.76
N VAL E 134 -20.64 -4.53 5.00
CA VAL E 134 -21.39 -5.30 5.98
C VAL E 134 -21.26 -4.61 7.34
N ILE E 135 -20.05 -4.13 7.63
CA ILE E 135 -19.80 -3.46 8.89
C ILE E 135 -20.56 -2.13 8.99
N ALA E 136 -20.37 -1.26 8.01
CA ALA E 136 -21.04 0.05 7.99
C ALA E 136 -22.55 -0.15 8.09
N MET E 137 -23.05 -1.10 7.30
CA MET E 137 -24.48 -1.40 7.31
C MET E 137 -24.90 -1.81 8.71
N GLY E 138 -24.03 -2.52 9.42
CA GLY E 138 -24.38 -2.95 10.76
C GLY E 138 -24.36 -1.82 11.77
N ILE E 139 -23.41 -0.90 11.62
CA ILE E 139 -23.31 0.21 12.57
C ILE E 139 -24.30 1.33 12.30
N THR E 140 -24.51 1.67 11.03
CA THR E 140 -25.42 2.75 10.69
C THR E 140 -26.84 2.32 10.32
N GLY E 141 -27.00 1.08 9.86
CA GLY E 141 -28.32 0.62 9.46
C GLY E 141 -28.77 1.32 8.19
N ASN E 142 -27.94 2.24 7.71
CA ASN E 142 -28.25 2.99 6.50
C ASN E 142 -28.13 2.07 5.29
N ASP E 143 -29.25 1.83 4.60
CA ASP E 143 -29.27 0.93 3.44
C ASP E 143 -28.39 1.40 2.29
N MET E 144 -27.69 2.50 2.52
CA MET E 144 -26.76 3.04 1.54
C MET E 144 -25.60 2.03 1.51
N PHE E 145 -25.57 1.16 2.52
CA PHE E 145 -24.52 0.15 2.64
C PHE E 145 -25.06 -1.23 2.32
N SER E 146 -26.23 -1.27 1.68
CA SER E 146 -26.84 -2.52 1.30
C SER E 146 -25.95 -3.26 0.31
N SER F 1 -4.57 -34.17 35.96
CA SER F 1 -4.97 -32.92 35.34
C SER F 1 -5.81 -33.19 34.10
N GLU F 2 -6.92 -32.46 33.98
CA GLU F 2 -7.82 -32.64 32.84
C GLU F 2 -7.40 -31.83 31.62
N CYS F 3 -7.85 -32.26 30.45
CA CYS F 3 -7.57 -31.54 29.22
C CYS F 3 -8.73 -30.57 29.00
N GLY F 4 -8.73 -29.48 29.78
CA GLY F 4 -9.76 -28.47 29.67
C GLY F 4 -9.54 -27.59 28.47
N PRO F 5 -10.37 -26.55 28.29
CA PRO F 5 -10.27 -25.61 27.16
C PRO F 5 -8.93 -24.88 27.12
N LEU F 6 -8.45 -24.47 28.28
CA LEU F 6 -7.18 -23.77 28.36
C LEU F 6 -6.05 -24.69 27.87
N GLN F 7 -6.02 -25.92 28.37
CA GLN F 7 -4.97 -26.87 27.96
C GLN F 7 -4.99 -27.12 26.45
N ARG F 8 -6.19 -27.17 25.86
CA ARG F 8 -6.32 -27.40 24.43
C ARG F 8 -5.76 -26.23 23.62
N LEU F 9 -5.97 -25.00 24.09
CA LEU F 9 -5.43 -23.86 23.36
C LEU F 9 -3.91 -23.94 23.49
N LYS F 10 -3.45 -24.19 24.71
CA LYS F 10 -2.03 -24.28 24.99
C LYS F 10 -1.38 -25.29 24.08
N VAL F 11 -2.01 -26.47 23.99
CA VAL F 11 -1.52 -27.54 23.18
C VAL F 11 -1.57 -27.14 21.72
N LYS F 12 -2.67 -26.49 21.32
CA LYS F 12 -2.80 -26.04 19.93
C LYS F 12 -1.66 -25.07 19.61
N ARG F 13 -1.31 -24.23 20.58
CA ARG F 13 -0.24 -23.26 20.38
C ARG F 13 1.14 -23.89 20.35
N GLN F 14 1.44 -24.79 21.29
CA GLN F 14 2.75 -25.41 21.30
C GLN F 14 2.93 -26.34 20.13
N TRP F 15 1.86 -27.02 19.74
CA TRP F 15 1.94 -27.90 18.60
C TRP F 15 2.22 -27.08 17.34
N ALA F 16 1.52 -25.96 17.18
CA ALA F 16 1.71 -25.11 16.01
C ALA F 16 3.16 -24.63 15.87
N GLU F 17 3.86 -24.50 16.99
CA GLU F 17 5.25 -24.08 16.99
C GLU F 17 6.14 -25.28 16.71
N ALA F 18 5.75 -26.45 17.20
CA ALA F 18 6.55 -27.65 17.00
C ALA F 18 6.41 -28.23 15.59
N TYR F 19 5.18 -28.23 15.08
CA TYR F 19 4.90 -28.75 13.74
C TYR F 19 5.34 -27.74 12.68
N GLY F 20 5.07 -26.46 12.92
CA GLY F 20 5.45 -25.42 11.98
C GLY F 20 4.67 -25.49 10.68
N SER F 21 5.23 -24.97 9.60
CA SER F 21 4.57 -24.98 8.30
C SER F 21 5.07 -26.08 7.37
N GLY F 22 6.24 -26.65 7.65
CA GLY F 22 6.73 -27.72 6.79
C GLY F 22 8.21 -27.98 6.67
N ASN F 23 9.03 -26.93 6.77
CA ASN F 23 10.48 -27.07 6.64
C ASN F 23 11.23 -27.93 7.65
N GLY F 24 10.73 -28.01 8.88
CA GLY F 24 11.42 -28.82 9.88
C GLY F 24 10.69 -30.10 10.25
N ARG F 25 9.60 -30.38 9.55
CA ARG F 25 8.82 -31.58 9.87
C ARG F 25 9.58 -32.89 9.71
N GLU F 26 10.47 -32.98 8.73
CA GLU F 26 11.23 -34.22 8.54
C GLU F 26 12.00 -34.58 9.80
N GLU F 27 12.73 -33.60 10.36
CA GLU F 27 13.51 -33.82 11.57
C GLU F 27 12.60 -34.04 12.80
N PHE F 28 11.43 -33.43 12.79
CA PHE F 28 10.47 -33.55 13.89
C PHE F 28 9.97 -35.01 13.95
N GLY F 29 9.45 -35.49 12.83
CA GLY F 29 8.96 -36.86 12.78
C GLY F 29 10.06 -37.86 13.09
N HIS F 30 11.24 -37.61 12.54
CA HIS F 30 12.36 -38.50 12.75
C HIS F 30 12.72 -38.60 14.24
N PHE F 31 12.75 -37.47 14.92
CA PHE F 31 13.08 -37.44 16.34
C PHE F 31 12.09 -38.26 17.13
N ILE F 32 10.81 -38.10 16.82
CA ILE F 32 9.73 -38.81 17.49
C ILE F 32 9.92 -40.30 17.34
N TRP F 33 9.94 -40.76 16.10
CA TRP F 33 10.08 -42.18 15.82
C TRP F 33 11.42 -42.81 16.17
N ALA F 34 12.50 -42.03 16.20
CA ALA F 34 13.76 -42.61 16.58
C ALA F 34 13.56 -42.98 18.05
N ASN F 35 12.84 -42.11 18.77
CA ASN F 35 12.56 -42.31 20.19
C ASN F 35 11.71 -43.56 20.38
N VAL F 36 10.68 -43.71 19.55
CA VAL F 36 9.78 -44.85 19.61
C VAL F 36 10.48 -46.20 19.48
N PHE F 37 11.29 -46.36 18.44
CA PHE F 37 11.96 -47.64 18.23
C PHE F 37 13.17 -47.90 19.11
N LYS F 38 13.57 -46.92 19.91
CA LYS F 38 14.69 -47.12 20.81
C LYS F 38 14.14 -47.74 22.09
N VAL F 39 13.04 -47.18 22.55
CA VAL F 39 12.40 -47.65 23.77
C VAL F 39 11.64 -48.96 23.54
N ALA F 40 11.02 -49.10 22.37
CA ALA F 40 10.24 -50.29 22.02
C ALA F 40 10.64 -50.87 20.66
N PRO F 41 11.89 -51.36 20.55
CA PRO F 41 12.40 -51.93 19.30
C PRO F 41 11.51 -52.99 18.66
N SER F 42 10.65 -53.60 19.48
CA SER F 42 9.76 -54.64 18.97
C SER F 42 8.57 -54.03 18.24
N ALA F 43 8.42 -52.71 18.33
CA ALA F 43 7.30 -52.03 17.65
C ALA F 43 7.54 -51.91 16.16
N ARG F 44 8.80 -51.99 15.74
CA ARG F 44 9.18 -51.91 14.33
C ARG F 44 8.43 -52.93 13.46
N ASP F 45 8.39 -54.18 13.92
CA ASP F 45 7.73 -55.26 13.19
C ASP F 45 6.31 -54.93 12.69
N MET F 46 5.70 -53.91 13.30
CA MET F 46 4.34 -53.50 12.92
C MET F 46 4.29 -52.61 11.68
N PHE F 47 5.43 -52.03 11.30
CA PHE F 47 5.48 -51.13 10.16
C PHE F 47 6.28 -51.71 8.99
N LYS F 48 6.28 -53.03 8.85
CA LYS F 48 7.03 -53.70 7.77
C LYS F 48 6.65 -53.23 6.37
N ARG F 49 5.41 -52.80 6.19
CA ARG F 49 4.97 -52.32 4.88
C ARG F 49 5.59 -50.96 4.58
N VAL F 50 5.95 -50.24 5.63
CA VAL F 50 6.55 -48.90 5.49
C VAL F 50 7.98 -48.84 6.01
N ARG F 51 8.77 -49.86 5.66
CA ARG F 51 10.17 -49.97 6.06
C ARG F 51 10.44 -49.53 7.50
N GLY F 52 9.67 -50.07 8.43
CA GLY F 52 9.84 -49.72 9.83
C GLY F 52 11.19 -50.14 10.37
N ASP F 53 11.96 -50.85 9.55
CA ASP F 53 13.29 -51.32 9.94
C ASP F 53 14.36 -50.24 9.70
N ASN F 54 14.03 -49.26 8.86
CA ASN F 54 14.94 -48.17 8.49
C ASN F 54 14.17 -46.86 8.27
N ILE F 55 14.06 -46.05 9.32
CA ILE F 55 13.31 -44.79 9.22
C ILE F 55 13.97 -43.65 8.44
N TYR F 56 15.04 -43.97 7.70
CA TYR F 56 15.75 -42.99 6.88
C TYR F 56 15.31 -43.14 5.44
N THR F 57 14.42 -44.10 5.22
CA THR F 57 13.91 -44.38 3.89
C THR F 57 12.73 -43.47 3.55
N PRO F 58 12.57 -43.13 2.27
CA PRO F 58 11.47 -42.27 1.81
C PRO F 58 10.12 -42.88 2.17
N ALA F 59 10.07 -44.21 2.20
CA ALA F 59 8.84 -44.94 2.53
C ALA F 59 8.38 -44.71 3.95
N PHE F 60 9.28 -44.87 4.91
CA PHE F 60 8.92 -44.67 6.30
C PHE F 60 8.70 -43.19 6.60
N ARG F 61 9.47 -42.31 5.96
CA ARG F 61 9.30 -40.88 6.18
C ARG F 61 7.89 -40.48 5.75
N ALA F 62 7.39 -41.11 4.68
CA ALA F 62 6.05 -40.82 4.20
C ALA F 62 5.03 -41.27 5.26
N HIS F 63 5.35 -42.36 5.98
CA HIS F 63 4.45 -42.84 7.04
C HIS F 63 4.42 -41.83 8.20
N ALA F 64 5.59 -41.36 8.60
CA ALA F 64 5.73 -40.38 9.69
C ALA F 64 4.91 -39.14 9.34
N THR F 65 4.94 -38.79 8.06
CA THR F 65 4.19 -37.65 7.56
C THR F 65 2.71 -37.87 7.82
N ARG F 66 2.19 -39.05 7.49
CA ARG F 66 0.78 -39.31 7.71
C ARG F 66 0.39 -39.26 9.19
N VAL F 67 1.25 -39.77 10.07
CA VAL F 67 0.97 -39.78 11.51
C VAL F 67 0.94 -38.39 12.14
N LEU F 68 2.03 -37.63 11.97
CA LEU F 68 2.11 -36.28 12.51
C LEU F 68 0.86 -35.55 11.97
N GLY F 69 0.52 -35.83 10.71
CA GLY F 69 -0.65 -35.24 10.09
C GLY F 69 -1.94 -35.60 10.82
N GLY F 70 -2.03 -36.85 11.27
CA GLY F 70 -3.20 -37.29 12.01
C GLY F 70 -3.24 -36.46 13.26
N LEU F 71 -2.09 -36.45 13.95
CA LEU F 71 -1.97 -35.68 15.20
C LEU F 71 -2.39 -34.22 15.00
N ASP F 72 -1.99 -33.62 13.88
CA ASP F 72 -2.31 -32.23 13.61
C ASP F 72 -3.81 -32.03 13.56
N MET F 73 -4.50 -32.93 12.83
CA MET F 73 -5.94 -32.84 12.70
C MET F 73 -6.61 -32.87 14.07
N CYS F 74 -6.23 -33.82 14.90
CA CYS F 74 -6.81 -33.91 16.23
C CYS F 74 -6.59 -32.60 17.00
N VAL F 75 -5.33 -32.21 17.12
CA VAL F 75 -4.99 -30.98 17.83
C VAL F 75 -5.84 -29.83 17.30
N ALA F 76 -5.85 -29.67 15.99
CA ALA F 76 -6.62 -28.60 15.37
C ALA F 76 -8.09 -28.65 15.78
N LEU F 77 -8.58 -29.86 16.06
CA LEU F 77 -9.97 -30.06 16.43
C LEU F 77 -10.28 -30.14 17.93
N LEU F 78 -9.27 -30.03 18.79
CA LEU F 78 -9.51 -30.10 20.24
C LEU F 78 -10.61 -29.16 20.73
N ASP F 79 -10.87 -28.08 20.00
CA ASP F 79 -11.91 -27.14 20.41
C ASP F 79 -13.23 -27.45 19.71
N ASP F 80 -13.28 -28.56 18.99
CA ASP F 80 -14.49 -28.95 18.27
C ASP F 80 -14.87 -30.39 18.62
N GLU F 81 -15.48 -30.58 19.78
CA GLU F 81 -15.89 -31.91 20.26
C GLU F 81 -16.44 -32.81 19.15
N SER F 82 -17.60 -32.42 18.63
CA SER F 82 -18.28 -33.16 17.58
C SER F 82 -17.37 -33.63 16.45
N VAL F 83 -16.79 -32.68 15.73
CA VAL F 83 -15.93 -32.99 14.60
C VAL F 83 -14.59 -33.63 15.00
N LEU F 84 -14.28 -33.60 16.29
CA LEU F 84 -13.06 -34.21 16.77
C LEU F 84 -13.27 -35.71 16.91
N ASN F 85 -14.29 -36.08 17.70
CA ASN F 85 -14.63 -37.49 17.92
C ASN F 85 -14.88 -38.23 16.60
N THR F 86 -15.43 -37.53 15.62
CA THR F 86 -15.67 -38.15 14.33
C THR F 86 -14.29 -38.55 13.81
N GLN F 87 -13.37 -37.59 13.88
CA GLN F 87 -12.00 -37.80 13.42
C GLN F 87 -11.26 -38.86 14.24
N LEU F 88 -11.49 -38.86 15.55
CA LEU F 88 -10.86 -39.86 16.41
C LEU F 88 -11.36 -41.25 15.99
N ALA F 89 -12.63 -41.33 15.60
CA ALA F 89 -13.22 -42.59 15.17
C ALA F 89 -12.61 -43.03 13.84
N HIS F 90 -12.28 -42.07 12.99
CA HIS F 90 -11.68 -42.40 11.70
C HIS F 90 -10.29 -43.01 11.91
N LEU F 91 -9.51 -42.43 12.82
CA LEU F 91 -8.17 -42.95 13.10
C LEU F 91 -8.37 -44.31 13.79
N ALA F 92 -9.38 -44.38 14.65
CA ALA F 92 -9.69 -45.61 15.38
C ALA F 92 -9.83 -46.77 14.38
N SER F 93 -10.53 -46.51 13.27
CA SER F 93 -10.73 -47.51 12.23
C SER F 93 -9.41 -47.94 11.61
N GLN F 94 -8.52 -46.97 11.38
CA GLN F 94 -7.22 -47.20 10.76
C GLN F 94 -6.27 -48.03 11.64
N HIS F 95 -6.61 -48.21 12.91
CA HIS F 95 -5.77 -48.97 13.83
C HIS F 95 -6.45 -50.20 14.46
N SER F 96 -7.78 -50.25 14.39
CA SER F 96 -8.59 -51.32 14.99
C SER F 96 -8.17 -52.78 14.78
N SER F 97 -7.74 -53.13 13.56
CA SER F 97 -7.33 -54.51 13.30
C SER F 97 -5.86 -54.82 13.59
N ARG F 98 -5.04 -53.77 13.72
CA ARG F 98 -3.60 -53.93 13.92
C ARG F 98 -3.07 -54.32 15.32
N GLY F 99 -3.99 -54.63 16.25
CA GLY F 99 -3.58 -55.03 17.59
C GLY F 99 -2.59 -54.18 18.38
N VAL F 100 -2.81 -52.87 18.42
CA VAL F 100 -1.92 -51.95 19.13
C VAL F 100 -2.27 -51.93 20.62
N SER F 101 -1.25 -51.97 21.47
CA SER F 101 -1.45 -51.99 22.92
C SER F 101 -1.47 -50.63 23.59
N ALA F 102 -2.16 -50.56 24.73
CA ALA F 102 -2.27 -49.33 25.51
C ALA F 102 -0.87 -48.85 25.94
N GLU F 103 0.04 -49.81 26.08
CA GLU F 103 1.40 -49.49 26.46
C GLU F 103 2.15 -48.90 25.26
N GLN F 104 1.97 -49.49 24.08
CA GLN F 104 2.63 -48.98 22.88
C GLN F 104 2.20 -47.53 22.64
N TYR F 105 0.93 -47.23 22.91
CA TYR F 105 0.39 -45.89 22.75
C TYR F 105 1.07 -44.91 23.67
N ASN F 106 1.16 -45.25 24.95
CA ASN F 106 1.80 -44.36 25.90
C ASN F 106 3.24 -44.07 25.47
N VAL F 107 3.84 -44.99 24.73
CA VAL F 107 5.21 -44.79 24.25
C VAL F 107 5.17 -43.71 23.17
N VAL F 108 4.31 -43.88 22.18
CA VAL F 108 4.20 -42.90 21.11
C VAL F 108 3.79 -41.53 21.66
N GLU F 109 3.06 -41.53 22.77
CA GLU F 109 2.63 -40.28 23.39
C GLU F 109 3.88 -39.59 23.93
N HIS F 110 4.64 -40.33 24.72
CA HIS F 110 5.86 -39.81 25.32
C HIS F 110 6.86 -39.39 24.25
N ALA F 111 6.88 -40.11 23.14
CA ALA F 111 7.79 -39.79 22.04
C ALA F 111 7.41 -38.43 21.45
N VAL F 112 6.11 -38.23 21.31
CA VAL F 112 5.57 -37.00 20.74
C VAL F 112 5.81 -35.82 21.67
N MET F 113 5.77 -36.08 22.97
CA MET F 113 6.00 -34.99 23.93
C MET F 113 7.49 -34.62 23.94
N MET F 114 8.37 -35.62 23.96
CA MET F 114 9.81 -35.35 23.96
C MET F 114 10.20 -34.62 22.67
N GLY F 115 9.58 -34.99 21.55
CA GLY F 115 9.85 -34.33 20.28
C GLY F 115 9.37 -32.88 20.26
N VAL F 116 8.20 -32.63 20.83
CA VAL F 116 7.62 -31.29 20.91
C VAL F 116 8.49 -30.44 21.83
N GLU F 117 8.90 -31.04 22.96
CA GLU F 117 9.74 -30.39 23.95
C GLU F 117 11.13 -30.13 23.37
N HIS F 118 11.56 -31.05 22.50
CA HIS F 118 12.86 -30.93 21.85
C HIS F 118 12.78 -29.80 20.83
N GLU F 119 11.57 -29.60 20.32
CA GLU F 119 11.33 -28.58 19.30
C GLU F 119 11.12 -27.16 19.84
N ILE F 120 10.41 -27.00 20.97
CA ILE F 120 10.15 -25.68 21.54
C ILE F 120 10.94 -25.34 22.81
N GLY F 121 11.64 -26.33 23.38
CA GLY F 121 12.44 -26.08 24.56
C GLY F 121 11.81 -26.48 25.88
N GLN F 122 12.58 -27.11 26.76
CA GLN F 122 12.10 -27.55 28.06
C GLN F 122 11.58 -26.40 28.91
N ASN F 123 12.18 -25.24 28.70
CA ASN F 123 11.81 -24.04 29.42
C ASN F 123 10.32 -23.70 29.33
N VAL F 124 9.66 -24.07 28.23
CA VAL F 124 8.25 -23.74 28.08
C VAL F 124 7.27 -24.92 27.97
N PHE F 125 7.80 -26.09 27.65
CA PHE F 125 6.99 -27.29 27.47
C PHE F 125 6.01 -27.52 28.61
N ASP F 126 4.72 -27.54 28.28
CA ASP F 126 3.66 -27.74 29.29
C ASP F 126 3.26 -29.22 29.39
N LYS F 127 4.03 -29.96 30.18
CA LYS F 127 3.81 -31.38 30.39
C LYS F 127 2.39 -31.79 30.78
N ASP F 128 1.79 -31.14 31.76
CA ASP F 128 0.45 -31.51 32.17
C ASP F 128 -0.56 -31.34 31.04
N ALA F 129 -0.48 -30.23 30.31
CA ALA F 129 -1.39 -30.00 29.22
C ALA F 129 -1.21 -31.04 28.12
N TRP F 130 0.04 -31.39 27.81
CA TRP F 130 0.30 -32.38 26.77
C TRP F 130 -0.07 -33.80 27.17
N GLN F 131 0.34 -34.21 28.37
CA GLN F 131 0.02 -35.54 28.88
C GLN F 131 -1.51 -35.71 28.84
N ALA F 132 -2.22 -34.76 29.44
CA ALA F 132 -3.68 -34.82 29.48
C ALA F 132 -4.37 -34.87 28.13
N CYS F 133 -4.11 -33.90 27.26
CA CYS F 133 -4.76 -33.87 25.96
C CYS F 133 -4.36 -34.96 24.97
N LEU F 134 -3.16 -35.50 25.09
CA LEU F 134 -2.74 -36.57 24.21
C LEU F 134 -3.56 -37.81 24.56
N ASP F 135 -3.81 -37.99 25.86
CA ASP F 135 -4.59 -39.14 26.33
C ASP F 135 -6.00 -39.07 25.77
N VAL F 136 -6.57 -37.87 25.75
CA VAL F 136 -7.90 -37.69 25.20
C VAL F 136 -7.85 -38.19 23.75
N ILE F 137 -6.73 -37.92 23.08
CA ILE F 137 -6.56 -38.33 21.69
C ILE F 137 -6.32 -39.83 21.52
N THR F 138 -5.44 -40.40 22.34
CA THR F 138 -5.19 -41.83 22.23
C THR F 138 -6.41 -42.64 22.63
N SER F 139 -7.17 -42.15 23.63
CA SER F 139 -8.39 -42.84 24.07
C SER F 139 -9.35 -43.01 22.90
N GLY F 140 -9.57 -41.93 22.16
CA GLY F 140 -10.44 -41.97 21.01
C GLY F 140 -9.89 -42.93 19.96
N ILE F 141 -8.58 -42.89 19.73
CA ILE F 141 -7.96 -43.77 18.75
C ILE F 141 -8.25 -45.25 19.07
N GLN F 142 -8.30 -45.57 20.36
CA GLN F 142 -8.56 -46.95 20.81
C GLN F 142 -10.05 -47.14 21.09
N GLY F 143 -10.91 -46.63 20.21
CA GLY F 143 -12.34 -46.75 20.46
C GLY F 143 -12.61 -45.95 21.73
N ASN F 144 -12.27 -46.53 22.87
CA ASN F 144 -12.43 -45.89 24.17
C ASN F 144 -11.74 -46.70 25.27
N SER G 1 5.79 -23.42 -22.87
CA SER G 1 7.08 -24.11 -22.81
C SER G 1 6.89 -25.50 -22.18
N SER G 2 7.43 -25.67 -20.98
CA SER G 2 7.31 -26.93 -20.26
C SER G 2 6.29 -26.75 -19.14
N ASN G 3 5.57 -27.82 -18.81
CA ASN G 3 4.58 -27.75 -17.75
C ASN G 3 5.10 -28.42 -16.48
N SER G 4 6.42 -28.58 -16.41
CA SER G 4 7.04 -29.21 -15.25
C SER G 4 6.95 -28.31 -14.04
N CYS G 5 6.58 -28.92 -12.91
CA CYS G 5 6.50 -28.21 -11.63
C CYS G 5 7.98 -28.09 -11.19
N THR G 6 8.53 -26.90 -11.37
CA THR G 6 9.91 -26.64 -11.03
C THR G 6 10.12 -26.39 -9.54
N THR G 7 11.38 -26.17 -9.19
CA THR G 7 11.74 -25.87 -7.81
C THR G 7 11.15 -24.51 -7.42
N GLU G 8 11.30 -23.49 -8.26
CA GLU G 8 10.75 -22.18 -7.91
C GLU G 8 9.23 -22.22 -7.83
N ASP G 9 8.60 -23.09 -8.62
CA ASP G 9 7.14 -23.21 -8.61
C ASP G 9 6.68 -23.78 -7.28
N ARG G 10 7.39 -24.78 -6.78
CA ARG G 10 7.03 -25.43 -5.52
C ARG G 10 7.12 -24.44 -4.36
N ARG G 11 8.20 -23.65 -4.34
CA ARG G 11 8.37 -22.64 -3.28
C ARG G 11 7.17 -21.70 -3.29
N GLU G 12 6.71 -21.33 -4.47
CA GLU G 12 5.57 -20.45 -4.62
C GLU G 12 4.30 -21.10 -4.13
N MET G 13 4.10 -22.36 -4.50
CA MET G 13 2.90 -23.05 -4.07
C MET G 13 2.91 -23.20 -2.55
N GLN G 14 4.09 -23.32 -1.95
CA GLN G 14 4.15 -23.45 -0.50
C GLN G 14 3.75 -22.14 0.18
N LEU G 15 4.16 -21.02 -0.40
CA LEU G 15 3.81 -19.71 0.13
C LEU G 15 2.30 -19.46 -0.01
N MET G 16 1.73 -19.75 -1.17
CA MET G 16 0.31 -19.55 -1.37
C MET G 16 -0.45 -20.42 -0.39
N TRP G 17 0.01 -21.65 -0.19
CA TRP G 17 -0.66 -22.56 0.73
C TRP G 17 -0.52 -22.10 2.18
N ALA G 18 0.65 -21.54 2.53
CA ALA G 18 0.89 -21.07 3.89
C ALA G 18 0.00 -19.87 4.17
N ASN G 19 0.03 -18.92 3.25
CA ASN G 19 -0.77 -17.71 3.36
C ASN G 19 -2.26 -18.03 3.26
N VAL G 20 -2.63 -19.20 3.79
CA VAL G 20 -4.02 -19.65 3.79
C VAL G 20 -4.25 -20.72 4.86
N TRP G 21 -3.21 -21.50 5.17
CA TRP G 21 -3.30 -22.59 6.14
C TRP G 21 -3.29 -22.21 7.62
N SER G 22 -4.44 -22.34 8.28
CA SER G 22 -4.58 -22.04 9.69
C SER G 22 -3.86 -23.15 10.48
N ALA G 23 -2.76 -22.79 11.14
CA ALA G 23 -1.97 -23.76 11.89
C ALA G 23 -2.57 -24.28 13.20
N GLN G 24 -3.38 -23.46 13.88
CA GLN G 24 -3.97 -23.86 15.16
C GLN G 24 -5.44 -24.31 15.15
N PHE G 25 -6.21 -23.80 14.18
CA PHE G 25 -7.63 -24.13 14.10
C PHE G 25 -8.08 -24.54 12.70
N THR G 26 -8.93 -25.55 12.66
CA THR G 26 -9.47 -26.07 11.42
C THR G 26 -10.40 -25.05 10.77
N GLY G 27 -10.71 -23.99 11.53
CA GLY G 27 -11.61 -22.95 11.05
C GLY G 27 -11.43 -22.50 9.61
N ARG G 28 -10.20 -22.14 9.23
CA ARG G 28 -9.93 -21.69 7.88
C ARG G 28 -9.79 -22.85 6.89
N ARG G 29 -9.19 -23.96 7.33
CA ARG G 29 -9.02 -25.13 6.48
C ARG G 29 -10.36 -25.65 5.95
N LEU G 30 -11.34 -25.66 6.85
CA LEU G 30 -12.68 -26.14 6.57
C LEU G 30 -13.39 -25.30 5.54
N ALA G 31 -13.50 -24.01 5.81
CA ALA G 31 -14.18 -23.10 4.90
C ALA G 31 -13.71 -23.31 3.46
N ILE G 32 -12.39 -23.32 3.27
CA ILE G 32 -11.83 -23.51 1.95
C ILE G 32 -12.11 -24.90 1.39
N ALA G 33 -12.07 -25.91 2.23
CA ALA G 33 -12.37 -27.27 1.76
C ALA G 33 -13.85 -27.32 1.30
N GLN G 34 -14.75 -26.85 2.15
CA GLN G 34 -16.18 -26.82 1.81
C GLN G 34 -16.43 -26.03 0.53
N ALA G 35 -15.69 -24.93 0.35
CA ALA G 35 -15.85 -24.09 -0.83
C ALA G 35 -15.49 -24.86 -2.10
N VAL G 36 -14.44 -25.66 -2.03
CA VAL G 36 -13.98 -26.44 -3.19
C VAL G 36 -15.01 -27.52 -3.54
N PHE G 37 -15.59 -28.16 -2.54
CA PHE G 37 -16.59 -29.18 -2.78
C PHE G 37 -17.90 -28.58 -3.30
N LYS G 38 -18.32 -27.43 -2.77
CA LYS G 38 -19.54 -26.83 -3.28
C LYS G 38 -19.30 -26.67 -4.77
N ASP G 39 -18.19 -26.01 -5.10
CA ASP G 39 -17.79 -25.77 -6.48
C ASP G 39 -17.66 -27.03 -7.33
N LEU G 40 -17.03 -28.06 -6.77
CA LEU G 40 -16.86 -29.31 -7.52
C LEU G 40 -18.23 -29.90 -7.85
N PHE G 41 -19.05 -30.07 -6.82
CA PHE G 41 -20.38 -30.63 -6.96
C PHE G 41 -21.31 -29.88 -7.94
N ALA G 42 -21.31 -28.55 -7.92
CA ALA G 42 -22.15 -27.75 -8.82
C ALA G 42 -21.68 -27.82 -10.28
N HIS G 43 -20.46 -28.31 -10.52
CA HIS G 43 -19.93 -28.43 -11.88
C HIS G 43 -19.99 -29.88 -12.31
N VAL G 44 -19.99 -30.77 -11.32
CA VAL G 44 -20.02 -32.21 -11.57
C VAL G 44 -21.11 -32.86 -10.74
N PRO G 45 -22.36 -32.87 -11.24
CA PRO G 45 -23.51 -33.45 -10.54
C PRO G 45 -23.29 -34.87 -9.98
N ASP G 46 -22.60 -35.71 -10.73
CA ASP G 46 -22.35 -37.09 -10.30
C ASP G 46 -21.42 -37.27 -9.08
N ALA G 47 -20.35 -36.50 -9.02
CA ALA G 47 -19.37 -36.59 -7.93
C ALA G 47 -19.94 -36.72 -6.51
N VAL G 48 -20.98 -35.96 -6.19
CA VAL G 48 -21.58 -36.00 -4.87
C VAL G 48 -21.89 -37.42 -4.42
N GLY G 49 -22.37 -38.23 -5.36
CA GLY G 49 -22.72 -39.61 -5.06
C GLY G 49 -21.55 -40.49 -4.64
N LEU G 50 -20.34 -39.98 -4.77
CA LEU G 50 -19.14 -40.72 -4.39
C LEU G 50 -18.87 -40.56 -2.90
N PHE G 51 -19.52 -39.59 -2.28
CA PHE G 51 -19.30 -39.29 -0.88
C PHE G 51 -20.45 -39.62 0.07
N ASP G 52 -21.08 -40.78 -0.12
CA ASP G 52 -22.19 -41.18 0.75
C ASP G 52 -21.71 -41.46 2.16
N ARG G 53 -20.57 -42.16 2.25
CA ARG G 53 -19.99 -42.53 3.53
C ARG G 53 -19.69 -41.33 4.41
N VAL G 54 -19.26 -40.23 3.80
CA VAL G 54 -18.92 -39.01 4.53
C VAL G 54 -19.96 -37.90 4.38
N HIS G 55 -21.18 -38.29 3.98
CA HIS G 55 -22.31 -37.37 3.82
C HIS G 55 -22.11 -36.18 2.85
N GLY G 56 -21.66 -36.47 1.63
CA GLY G 56 -21.44 -35.43 0.63
C GLY G 56 -22.63 -34.57 0.27
N THR G 57 -23.81 -34.92 0.77
CA THR G 57 -25.01 -34.14 0.48
C THR G 57 -25.08 -32.99 1.47
N GLU G 58 -24.80 -33.31 2.73
CA GLU G 58 -24.82 -32.32 3.81
C GLU G 58 -23.41 -31.78 4.02
N ILE G 59 -23.04 -30.80 3.20
CA ILE G 59 -21.72 -30.17 3.22
C ILE G 59 -21.30 -29.72 4.61
N ASP G 60 -22.27 -29.34 5.44
CA ASP G 60 -21.98 -28.87 6.79
C ASP G 60 -22.12 -29.94 7.88
N SER G 61 -22.30 -31.19 7.48
CA SER G 61 -22.44 -32.27 8.45
C SER G 61 -21.10 -32.58 9.10
N SER G 62 -21.12 -33.05 10.34
CA SER G 62 -19.90 -33.39 11.04
C SER G 62 -19.06 -34.36 10.23
N GLU G 63 -19.65 -35.48 9.83
CA GLU G 63 -18.93 -36.48 9.05
C GLU G 63 -18.20 -35.90 7.83
N PHE G 64 -18.86 -35.02 7.08
CA PHE G 64 -18.25 -34.43 5.90
C PHE G 64 -17.17 -33.41 6.27
N LYS G 65 -17.33 -32.75 7.41
CA LYS G 65 -16.32 -31.78 7.84
C LYS G 65 -15.02 -32.52 8.05
N ALA G 66 -15.09 -33.60 8.82
CA ALA G 66 -13.94 -34.44 9.13
C ALA G 66 -13.28 -34.88 7.83
N HIS G 67 -14.10 -35.10 6.80
CA HIS G 67 -13.58 -35.50 5.52
C HIS G 67 -12.82 -34.31 4.90
N CYS G 68 -13.43 -33.13 4.95
CA CYS G 68 -12.80 -31.94 4.40
C CYS G 68 -11.43 -31.75 5.03
N ILE G 69 -11.36 -31.97 6.34
CA ILE G 69 -10.11 -31.84 7.08
C ILE G 69 -9.16 -32.92 6.62
N ARG G 70 -9.68 -34.12 6.36
CA ARG G 70 -8.83 -35.20 5.87
C ARG G 70 -8.23 -34.82 4.52
N VAL G 71 -9.07 -34.32 3.62
CA VAL G 71 -8.61 -33.93 2.29
C VAL G 71 -7.51 -32.87 2.38
N VAL G 72 -7.79 -31.81 3.13
CA VAL G 72 -6.84 -30.73 3.30
C VAL G 72 -5.53 -31.19 3.92
N ASN G 73 -5.59 -32.04 4.93
CA ASN G 73 -4.38 -32.57 5.57
C ASN G 73 -3.60 -33.31 4.49
N GLY G 74 -4.35 -33.90 3.56
CA GLY G 74 -3.75 -34.64 2.47
C GLY G 74 -3.04 -33.76 1.46
N LEU G 75 -3.65 -32.63 1.12
CA LEU G 75 -3.02 -31.73 0.16
C LEU G 75 -1.80 -31.06 0.80
N ASP G 76 -1.92 -30.73 2.09
CA ASP G 76 -0.83 -30.10 2.85
C ASP G 76 0.36 -31.05 2.97
N SER G 77 0.10 -32.36 3.13
CA SER G 77 1.21 -33.30 3.24
C SER G 77 1.90 -33.30 1.89
N ALA G 78 1.12 -33.34 0.82
CA ALA G 78 1.72 -33.36 -0.50
C ALA G 78 2.49 -32.08 -0.80
N ILE G 79 1.84 -30.92 -0.61
CA ILE G 79 2.52 -29.67 -0.90
C ILE G 79 3.78 -29.53 -0.05
N GLY G 80 3.69 -29.99 1.20
CA GLY G 80 4.85 -29.92 2.07
C GLY G 80 5.99 -30.80 1.58
N LEU G 81 5.66 -31.89 0.88
CA LEU G 81 6.68 -32.81 0.38
C LEU G 81 7.21 -32.51 -1.03
N LEU G 82 6.78 -31.41 -1.62
CA LEU G 82 7.28 -31.04 -2.94
C LEU G 82 8.79 -30.76 -2.81
N SER G 83 9.23 -30.47 -1.58
CA SER G 83 10.64 -30.18 -1.26
C SER G 83 11.54 -31.41 -1.22
N ASP G 84 10.96 -32.57 -0.96
CA ASP G 84 11.70 -33.84 -0.91
C ASP G 84 10.86 -34.82 -1.72
N PRO G 85 10.95 -34.72 -3.06
CA PRO G 85 10.21 -35.56 -4.00
C PRO G 85 10.22 -37.06 -3.71
N SER G 86 11.35 -37.58 -3.25
CA SER G 86 11.46 -39.01 -2.93
C SER G 86 10.32 -39.44 -2.03
N THR G 87 10.21 -38.79 -0.88
CA THR G 87 9.17 -39.09 0.10
C THR G 87 7.80 -38.80 -0.47
N LEU G 88 7.73 -37.80 -1.34
CA LEU G 88 6.48 -37.41 -1.99
C LEU G 88 5.91 -38.59 -2.78
N ASN G 89 6.75 -39.16 -3.64
CA ASN G 89 6.33 -40.30 -4.47
C ASN G 89 5.72 -41.38 -3.60
N GLU G 90 6.28 -41.57 -2.40
CA GLU G 90 5.77 -42.59 -1.47
C GLU G 90 4.45 -42.20 -0.80
N GLN G 91 4.24 -40.89 -0.58
CA GLN G 91 3.02 -40.41 0.05
C GLN G 91 1.92 -40.34 -1.00
N LEU G 92 2.31 -40.09 -2.26
CA LEU G 92 1.35 -40.00 -3.35
C LEU G 92 0.84 -41.39 -3.76
N SER G 93 1.68 -42.41 -3.58
CA SER G 93 1.27 -43.78 -3.92
C SER G 93 0.18 -44.13 -2.94
N HIS G 94 0.48 -43.92 -1.66
CA HIS G 94 -0.48 -44.19 -0.61
C HIS G 94 -1.79 -43.47 -0.89
N LEU G 95 -1.71 -42.23 -1.35
CA LEU G 95 -2.92 -41.45 -1.66
C LEU G 95 -3.62 -42.06 -2.86
N ALA G 96 -2.84 -42.66 -3.74
CA ALA G 96 -3.40 -43.29 -4.93
C ALA G 96 -4.24 -44.49 -4.50
N THR G 97 -3.60 -45.49 -3.91
CA THR G 97 -4.31 -46.67 -3.48
C THR G 97 -5.56 -46.36 -2.66
N GLN G 98 -5.55 -45.23 -1.94
CA GLN G 98 -6.70 -44.82 -1.14
C GLN G 98 -7.84 -44.37 -2.04
N HIS G 99 -7.50 -43.89 -3.23
CA HIS G 99 -8.52 -43.45 -4.18
C HIS G 99 -8.92 -44.52 -5.18
N GLN G 100 -8.16 -45.61 -5.23
CA GLN G 100 -8.48 -46.71 -6.14
C GLN G 100 -9.55 -47.60 -5.51
N GLU G 101 -10.04 -48.56 -6.29
CA GLU G 101 -11.06 -49.49 -5.80
C GLU G 101 -12.26 -48.72 -5.25
N ARG G 102 -12.60 -47.63 -5.94
CA ARG G 102 -13.73 -46.79 -5.57
C ARG G 102 -14.37 -46.33 -6.87
N ALA G 103 -15.18 -47.21 -7.46
CA ALA G 103 -15.85 -46.91 -8.71
C ALA G 103 -16.39 -45.49 -8.66
N GLY G 104 -16.03 -44.68 -9.64
CA GLY G 104 -16.49 -43.30 -9.65
C GLY G 104 -15.35 -42.31 -9.58
N VAL G 105 -14.33 -42.65 -8.80
CA VAL G 105 -13.16 -41.77 -8.68
C VAL G 105 -12.30 -41.88 -9.93
N THR G 106 -12.34 -40.86 -10.78
CA THR G 106 -11.55 -40.88 -12.02
C THR G 106 -10.72 -39.62 -12.23
N LYS G 107 -9.78 -39.73 -13.16
CA LYS G 107 -8.91 -38.62 -13.50
C LYS G 107 -9.77 -37.43 -13.87
N GLY G 108 -10.94 -37.71 -14.43
CA GLY G 108 -11.85 -36.64 -14.80
C GLY G 108 -12.24 -35.82 -13.58
N GLY G 109 -12.37 -36.48 -12.43
CA GLY G 109 -12.73 -35.79 -11.20
C GLY G 109 -11.61 -34.86 -10.76
N PHE G 110 -10.41 -35.43 -10.66
CA PHE G 110 -9.20 -34.70 -10.29
C PHE G 110 -8.97 -33.55 -11.25
N SER G 111 -9.49 -33.66 -12.47
CA SER G 111 -9.35 -32.60 -13.46
C SER G 111 -10.33 -31.49 -13.12
N ALA G 112 -11.53 -31.89 -12.68
CA ALA G 112 -12.56 -30.94 -12.31
C ALA G 112 -12.17 -30.20 -11.03
N ILE G 113 -11.90 -30.96 -9.97
CA ILE G 113 -11.53 -30.39 -8.68
C ILE G 113 -10.38 -29.41 -8.84
N ALA G 114 -9.43 -29.73 -9.73
CA ALA G 114 -8.31 -28.86 -9.99
C ALA G 114 -8.90 -27.51 -10.38
N GLN G 115 -9.76 -27.53 -11.39
CA GLN G 115 -10.40 -26.31 -11.85
C GLN G 115 -11.18 -25.63 -10.72
N SER G 116 -11.62 -26.42 -9.74
CA SER G 116 -12.34 -25.87 -8.60
C SER G 116 -11.39 -25.04 -7.73
N PHE G 117 -10.20 -25.60 -7.47
CA PHE G 117 -9.18 -24.94 -6.67
C PHE G 117 -8.75 -23.66 -7.38
N LEU G 118 -8.79 -23.65 -8.71
CA LEU G 118 -8.41 -22.44 -9.42
C LEU G 118 -9.47 -21.37 -9.26
N ARG G 119 -10.67 -21.78 -8.88
CA ARG G 119 -11.75 -20.81 -8.67
C ARG G 119 -11.82 -20.35 -7.22
N VAL G 120 -11.49 -21.25 -6.28
CA VAL G 120 -11.50 -20.94 -4.86
C VAL G 120 -10.29 -20.13 -4.37
N MET G 121 -9.08 -20.68 -4.54
CA MET G 121 -7.83 -20.04 -4.12
C MET G 121 -7.67 -18.53 -4.36
N PRO G 122 -7.95 -18.04 -5.57
CA PRO G 122 -7.79 -16.59 -5.75
C PRO G 122 -8.71 -15.77 -4.85
N GLN G 123 -9.76 -16.40 -4.35
CA GLN G 123 -10.70 -15.71 -3.46
C GLN G 123 -10.20 -15.66 -2.01
N VAL G 124 -9.31 -16.59 -1.64
CA VAL G 124 -8.83 -16.64 -0.26
C VAL G 124 -7.34 -16.36 -0.07
N ALA G 125 -6.54 -16.63 -1.10
CA ALA G 125 -5.09 -16.43 -1.04
C ALA G 125 -4.66 -15.09 -1.67
N SER G 126 -3.65 -14.46 -1.08
CA SER G 126 -3.16 -13.18 -1.56
C SER G 126 -2.04 -13.39 -2.58
N CYS G 127 -2.11 -12.65 -3.68
CA CYS G 127 -1.10 -12.78 -4.73
C CYS G 127 -1.21 -14.09 -5.51
N PHE G 128 -2.35 -14.77 -5.48
CA PHE G 128 -2.45 -16.05 -6.17
C PHE G 128 -1.89 -16.11 -7.60
N ASN G 129 -0.96 -17.03 -7.81
CA ASN G 129 -0.36 -17.25 -9.13
C ASN G 129 -0.96 -18.54 -9.62
N PRO G 130 -1.99 -18.47 -10.47
CA PRO G 130 -2.65 -19.67 -10.99
C PRO G 130 -1.75 -20.64 -11.76
N ASP G 131 -0.89 -20.10 -12.61
CA ASP G 131 0.01 -20.94 -13.40
C ASP G 131 1.00 -21.79 -12.59
N ALA G 132 1.73 -21.17 -11.66
CA ALA G 132 2.67 -21.94 -10.85
C ALA G 132 1.94 -23.00 -10.03
N TRP G 133 0.77 -22.63 -9.50
CA TRP G 133 -0.06 -23.53 -8.70
C TRP G 133 -0.60 -24.74 -9.49
N SER G 134 -1.07 -24.48 -10.70
CA SER G 134 -1.60 -25.51 -11.57
C SER G 134 -0.56 -26.59 -11.95
N ARG G 135 0.66 -26.15 -12.30
CA ARG G 135 1.72 -27.05 -12.68
C ARG G 135 2.09 -28.00 -11.56
N CYS G 136 2.16 -27.46 -10.34
CA CYS G 136 2.51 -28.30 -9.20
C CYS G 136 1.28 -29.01 -8.65
N PHE G 137 0.11 -28.46 -8.94
CA PHE G 137 -1.10 -29.13 -8.47
C PHE G 137 -1.21 -30.39 -9.33
N ASN G 138 -1.03 -30.23 -10.64
CA ASN G 138 -1.13 -31.36 -11.55
C ASN G 138 -0.06 -32.40 -11.22
N ARG G 139 1.10 -31.94 -10.77
CA ARG G 139 2.18 -32.86 -10.42
C ARG G 139 1.71 -33.78 -9.29
N ILE G 140 0.92 -33.24 -8.36
CA ILE G 140 0.42 -34.02 -7.22
C ILE G 140 -0.73 -34.95 -7.60
N THR G 141 -1.62 -34.50 -8.48
CA THR G 141 -2.73 -35.35 -8.89
C THR G 141 -2.22 -36.53 -9.71
N ASN G 142 -1.32 -36.27 -10.64
CA ASN G 142 -0.78 -37.35 -11.45
C ASN G 142 -0.30 -38.51 -10.56
N GLY G 143 0.43 -38.18 -9.50
CA GLY G 143 0.88 -39.23 -8.61
C GLY G 143 -0.27 -39.91 -7.89
N MET G 144 -1.35 -39.18 -7.62
CA MET G 144 -2.51 -39.74 -6.93
C MET G 144 -3.41 -40.59 -7.84
N THR G 145 -3.63 -40.10 -9.06
CA THR G 145 -4.47 -40.78 -10.04
C THR G 145 -3.64 -41.82 -10.81
N GLU G 146 -2.81 -42.56 -10.09
CA GLU G 146 -1.97 -43.57 -10.71
C GLU G 146 -2.78 -44.60 -11.49
N GLY G 147 -3.37 -45.55 -10.75
CA GLY G 147 -4.18 -46.57 -11.37
C GLY G 147 -5.65 -46.22 -11.31
N LEU G 148 -6.01 -45.08 -11.89
CA LEU G 148 -7.41 -44.64 -11.89
C LEU G 148 -7.93 -44.61 -13.34
N ALA G 149 -9.25 -44.68 -13.50
CA ALA G 149 -9.84 -44.63 -14.83
C ALA G 149 -9.79 -43.19 -15.33
N GLU G 150 -9.83 -43.01 -16.65
CA GLU G 150 -9.79 -41.67 -17.24
C GLU G 150 -11.01 -40.85 -16.84
N PHE H 3 2.07 3.49 35.86
CA PHE H 3 1.53 2.16 36.09
C PHE H 3 2.58 1.14 36.54
N CYS H 4 3.37 0.64 35.60
CA CYS H 4 4.44 -0.32 35.91
C CYS H 4 5.64 0.06 35.04
N SER H 5 6.83 -0.43 35.40
CA SER H 5 8.05 -0.10 34.67
C SER H 5 8.07 -0.61 33.24
N GLU H 6 8.90 0.04 32.42
CA GLU H 6 9.06 -0.32 31.02
C GLU H 6 9.42 -1.78 30.84
N ALA H 7 10.37 -2.26 31.66
CA ALA H 7 10.81 -3.65 31.57
C ALA H 7 9.71 -4.63 31.96
N ASP H 8 8.90 -4.27 32.97
CA ASP H 8 7.80 -5.15 33.40
C ASP H 8 6.70 -5.19 32.35
N ALA H 9 6.30 -4.02 31.87
CA ALA H 9 5.26 -3.93 30.86
C ALA H 9 5.64 -4.68 29.59
N THR H 10 6.91 -4.59 29.20
CA THR H 10 7.40 -5.25 27.99
C THR H 10 7.21 -6.76 28.14
N ILE H 11 7.51 -7.26 29.33
CA ILE H 11 7.33 -8.68 29.58
C ILE H 11 5.85 -9.02 29.44
N VAL H 12 5.00 -8.27 30.13
CA VAL H 12 3.57 -8.52 30.07
C VAL H 12 3.04 -8.42 28.64
N ILE H 13 3.41 -7.34 27.94
CA ILE H 13 2.95 -7.15 26.57
C ILE H 13 3.34 -8.31 25.68
N LYS H 14 4.49 -8.93 25.98
CA LYS H 14 4.99 -10.05 25.19
C LYS H 14 4.20 -11.33 25.47
N GLN H 15 4.02 -11.66 26.74
CA GLN H 15 3.30 -12.86 27.11
C GLN H 15 1.84 -12.76 26.67
N TRP H 16 1.30 -11.54 26.65
CA TRP H 16 -0.07 -11.34 26.23
C TRP H 16 -0.19 -11.60 24.73
N ASN H 17 0.62 -10.89 23.94
CA ASN H 17 0.60 -11.05 22.49
C ASN H 17 0.74 -12.50 22.10
N GLN H 18 1.30 -13.29 23.00
CA GLN H 18 1.48 -14.72 22.80
C GLN H 18 0.12 -15.40 22.65
N ILE H 19 -0.83 -15.04 23.50
CA ILE H 19 -2.15 -15.66 23.47
C ILE H 19 -3.26 -14.76 22.96
N TYR H 20 -2.91 -13.60 22.43
CA TYR H 20 -3.91 -12.66 21.91
C TYR H 20 -3.30 -11.71 20.88
N ASN H 21 -3.85 -11.75 19.66
CA ASN H 21 -3.38 -10.88 18.58
C ASN H 21 -4.31 -11.05 17.40
N ALA H 22 -4.23 -10.13 16.45
CA ALA H 22 -5.09 -10.16 15.26
C ALA H 22 -5.18 -11.53 14.55
N GLY H 23 -4.15 -12.37 14.72
CA GLY H 23 -4.16 -13.67 14.07
C GLY H 23 -4.90 -14.75 14.85
N ILE H 24 -5.44 -14.37 16.01
CA ILE H 24 -6.17 -15.31 16.87
C ILE H 24 -7.68 -15.21 16.63
N GLY H 25 -8.27 -16.31 16.18
CA GLY H 25 -9.70 -16.33 15.89
C GLY H 25 -10.62 -15.93 17.02
N ALA H 26 -11.81 -15.43 16.66
CA ALA H 26 -12.79 -15.01 17.66
C ALA H 26 -13.20 -16.19 18.55
N LYS H 27 -13.18 -17.40 17.98
CA LYS H 27 -13.57 -18.60 18.72
C LYS H 27 -12.68 -18.83 19.92
N SER H 28 -11.36 -18.70 19.73
CA SER H 28 -10.45 -18.90 20.84
C SER H 28 -10.50 -17.72 21.82
N ARG H 29 -11.04 -16.59 21.37
CA ARG H 29 -11.17 -15.43 22.24
C ARG H 29 -12.28 -15.65 23.26
N TRP H 30 -13.47 -15.99 22.79
CA TRP H 30 -14.57 -16.21 23.73
C TRP H 30 -14.36 -17.50 24.52
N THR H 31 -13.43 -18.34 24.08
CA THR H 31 -13.14 -19.55 24.84
C THR H 31 -12.43 -19.06 26.11
N MET H 32 -11.52 -18.10 25.93
CA MET H 32 -10.81 -17.50 27.07
C MET H 32 -11.81 -16.61 27.79
N GLY H 33 -12.70 -16.01 27.01
CA GLY H 33 -13.71 -15.11 27.56
C GLY H 33 -14.65 -15.79 28.54
N ASN H 34 -15.11 -16.99 28.18
CA ASN H 34 -16.02 -17.72 29.05
C ASN H 34 -15.30 -18.33 30.22
N GLU H 35 -14.08 -18.81 30.00
CA GLU H 35 -13.33 -19.40 31.11
C GLU H 35 -13.09 -18.37 32.18
N ILE H 36 -12.77 -17.15 31.78
CA ILE H 36 -12.54 -16.09 32.75
C ILE H 36 -13.82 -15.74 33.53
N PHE H 37 -14.90 -15.44 32.80
CA PHE H 37 -16.16 -15.08 33.43
C PHE H 37 -16.81 -16.18 34.28
N SER H 38 -16.60 -17.44 33.90
CA SER H 38 -17.13 -18.55 34.67
C SER H 38 -16.40 -18.46 36.01
N SER H 39 -15.08 -18.27 35.94
CA SER H 39 -14.25 -18.16 37.11
C SER H 39 -14.66 -17.00 37.98
N LEU H 40 -14.87 -15.84 37.36
CA LEU H 40 -15.27 -14.63 38.09
C LEU H 40 -16.55 -14.90 38.87
N PHE H 41 -17.49 -15.57 38.22
CA PHE H 41 -18.77 -15.90 38.82
C PHE H 41 -18.66 -16.87 40.00
N LYS H 42 -17.77 -17.87 39.90
CA LYS H 42 -17.59 -18.81 41.00
C LYS H 42 -17.09 -18.02 42.19
N LEU H 43 -16.07 -17.20 41.96
CA LEU H 43 -15.50 -16.38 43.03
C LEU H 43 -16.51 -15.37 43.59
N LYS H 44 -17.38 -14.85 42.73
CA LYS H 44 -18.40 -13.89 43.16
C LYS H 44 -19.70 -14.18 42.41
N PRO H 45 -20.50 -15.14 42.91
CA PRO H 45 -21.80 -15.57 42.34
C PRO H 45 -22.78 -14.43 42.14
N GLU H 46 -22.73 -13.47 43.06
CA GLU H 46 -23.61 -12.32 43.04
C GLU H 46 -23.39 -11.32 41.90
N SER H 47 -22.21 -11.38 41.26
CA SER H 47 -21.90 -10.47 40.15
C SER H 47 -22.51 -10.90 38.80
N GLU H 48 -22.73 -12.19 38.64
CA GLU H 48 -23.29 -12.72 37.40
C GLU H 48 -24.54 -11.98 36.87
N VAL H 49 -25.50 -11.67 37.75
CA VAL H 49 -26.72 -11.01 37.28
C VAL H 49 -26.43 -9.66 36.64
N LEU H 50 -25.26 -9.11 36.89
CA LEU H 50 -24.89 -7.82 36.32
C LEU H 50 -24.79 -7.95 34.79
N PHE H 51 -24.67 -9.19 34.32
CA PHE H 51 -24.54 -9.44 32.89
C PHE H 51 -25.80 -9.95 32.21
N ASN H 52 -26.98 -9.59 32.72
CA ASN H 52 -28.21 -10.05 32.09
C ASN H 52 -28.46 -9.47 30.68
N ASN H 53 -28.02 -8.24 30.46
CA ASN H 53 -28.20 -7.60 29.16
C ASN H 53 -27.45 -8.31 28.05
N VAL H 54 -26.28 -8.84 28.36
CA VAL H 54 -25.49 -9.55 27.36
C VAL H 54 -25.83 -11.02 27.37
N ASN H 55 -27.03 -11.30 27.89
CA ASN H 55 -27.57 -12.65 27.96
C ASN H 55 -26.61 -13.66 28.58
N VAL H 56 -26.16 -13.35 29.79
CA VAL H 56 -25.24 -14.22 30.50
C VAL H 56 -25.89 -15.58 30.74
N ALA H 57 -27.23 -15.61 30.70
CA ALA H 57 -27.99 -16.83 30.90
C ALA H 57 -27.46 -17.90 29.96
N ASN H 58 -27.02 -17.48 28.79
CA ASN H 58 -26.47 -18.41 27.82
C ASN H 58 -25.13 -17.86 27.33
N MET H 59 -24.05 -18.32 27.96
CA MET H 59 -22.73 -17.87 27.61
C MET H 59 -22.31 -18.31 26.22
N SER H 60 -23.08 -19.20 25.62
CA SER H 60 -22.76 -19.67 24.27
C SER H 60 -23.51 -18.79 23.27
N SER H 61 -24.22 -17.79 23.76
CA SER H 61 -24.99 -16.90 22.91
C SER H 61 -24.15 -15.81 22.22
N GLY H 62 -24.69 -15.27 21.12
CA GLY H 62 -23.99 -14.22 20.41
C GLY H 62 -23.83 -13.01 21.28
N ALA H 63 -24.89 -12.64 21.97
CA ALA H 63 -24.81 -11.47 22.83
C ALA H 63 -23.70 -11.62 23.86
N PHE H 64 -23.53 -12.82 24.41
CA PHE H 64 -22.48 -12.98 25.42
C PHE H 64 -21.12 -13.11 24.79
N HIS H 65 -21.04 -13.79 23.67
CA HIS H 65 -19.79 -13.94 22.98
C HIS H 65 -19.23 -12.57 22.64
N ALA H 66 -20.07 -11.73 22.03
CA ALA H 66 -19.65 -10.38 21.67
C ALA H 66 -19.22 -9.58 22.91
N HIS H 67 -19.76 -9.92 24.08
CA HIS H 67 -19.39 -9.22 25.29
C HIS H 67 -17.96 -9.56 25.71
N THR H 68 -17.68 -10.85 25.86
CA THR H 68 -16.35 -11.25 26.30
C THR H 68 -15.30 -10.84 25.28
N VAL H 69 -15.72 -10.71 24.02
CA VAL H 69 -14.78 -10.31 22.98
C VAL H 69 -14.43 -8.84 23.14
N ARG H 70 -15.41 -8.02 23.50
CA ARG H 70 -15.09 -6.61 23.65
C ARG H 70 -14.39 -6.38 24.98
N VAL H 71 -14.58 -7.29 25.93
CA VAL H 71 -13.92 -7.14 27.21
C VAL H 71 -12.44 -7.45 27.00
N LEU H 72 -12.17 -8.57 26.34
CA LEU H 72 -10.79 -8.95 26.09
C LEU H 72 -10.12 -7.90 25.22
N SER H 73 -10.86 -7.29 24.31
CA SER H 73 -10.30 -6.26 23.44
C SER H 73 -9.90 -5.06 24.29
N GLY H 74 -10.69 -4.78 25.32
CA GLY H 74 -10.40 -3.68 26.20
C GLY H 74 -9.15 -3.91 27.02
N LEU H 75 -8.97 -5.15 27.46
CA LEU H 75 -7.80 -5.51 28.26
C LEU H 75 -6.57 -5.48 27.37
N ASP H 76 -6.77 -5.79 26.10
CA ASP H 76 -5.70 -5.79 25.14
C ASP H 76 -5.16 -4.39 24.90
N MET H 77 -6.04 -3.40 24.82
CA MET H 77 -5.58 -2.04 24.62
C MET H 77 -4.84 -1.59 25.85
N GLY H 78 -5.40 -1.94 27.01
CA GLY H 78 -4.77 -1.59 28.27
C GLY H 78 -3.33 -2.05 28.29
N ILE H 79 -3.14 -3.36 28.12
CA ILE H 79 -1.80 -3.94 28.13
C ILE H 79 -0.87 -3.29 27.09
N ASN H 80 -1.30 -3.22 25.85
CA ASN H 80 -0.46 -2.64 24.81
C ASN H 80 -0.11 -1.17 25.01
N TYR H 81 -0.83 -0.49 25.89
CA TYR H 81 -0.56 0.92 26.16
C TYR H 81 0.08 1.14 27.53
N LEU H 82 0.59 0.07 28.11
CA LEU H 82 1.24 0.15 29.42
C LEU H 82 2.43 1.11 29.45
N ASN H 83 3.17 1.21 28.33
CA ASN H 83 4.32 2.10 28.26
C ASN H 83 4.01 3.48 27.69
N ASP H 84 2.72 3.81 27.67
CA ASP H 84 2.25 5.10 27.17
C ASP H 84 1.27 5.58 28.24
N ALA H 85 1.80 5.85 29.42
CA ALA H 85 1.03 6.32 30.58
C ALA H 85 -0.07 7.30 30.23
N GLY H 86 0.29 8.42 29.60
CA GLY H 86 -0.69 9.42 29.24
C GLY H 86 -1.93 8.83 28.58
N THR H 87 -1.71 8.02 27.56
CA THR H 87 -2.82 7.38 26.85
C THR H 87 -3.54 6.39 27.75
N LEU H 88 -2.78 5.57 28.47
CA LEU H 88 -3.39 4.56 29.36
C LEU H 88 -4.33 5.20 30.40
N THR H 89 -3.92 6.34 30.95
CA THR H 89 -4.73 7.06 31.94
C THR H 89 -6.06 7.46 31.32
N SER H 90 -6.01 7.87 30.06
CA SER H 90 -7.18 8.30 29.33
C SER H 90 -8.02 7.09 28.94
N LEU H 91 -7.35 6.00 28.58
CA LEU H 91 -8.03 4.77 28.20
C LEU H 91 -8.74 4.13 29.39
N THR H 92 -8.09 4.14 30.55
CA THR H 92 -8.70 3.54 31.72
C THR H 92 -9.78 4.44 32.31
N ALA H 93 -9.61 5.76 32.15
CA ALA H 93 -10.59 6.71 32.66
C ALA H 93 -11.91 6.51 31.91
N HIS H 94 -11.80 6.14 30.62
CA HIS H 94 -12.95 5.89 29.75
C HIS H 94 -13.65 4.60 30.21
N LEU H 95 -12.87 3.54 30.37
CA LEU H 95 -13.41 2.26 30.83
C LEU H 95 -14.03 2.43 32.22
N ALA H 96 -13.37 3.18 33.09
CA ALA H 96 -13.90 3.41 34.43
C ALA H 96 -15.33 3.91 34.30
N ALA H 97 -15.48 5.07 33.68
CA ALA H 97 -16.79 5.67 33.50
C ALA H 97 -17.82 4.64 32.99
N GLN H 98 -17.43 3.86 31.99
CA GLN H 98 -18.33 2.85 31.44
C GLN H 98 -18.80 1.84 32.49
N HIS H 99 -18.02 1.67 33.55
CA HIS H 99 -18.40 0.73 34.61
C HIS H 99 -19.15 1.41 35.77
N VAL H 100 -18.74 2.64 36.11
CA VAL H 100 -19.39 3.37 37.19
C VAL H 100 -20.88 3.59 36.90
N ALA H 101 -21.25 3.57 35.63
CA ALA H 101 -22.63 3.77 35.21
C ALA H 101 -23.51 2.59 35.58
N ARG H 102 -22.92 1.40 35.63
CA ARG H 102 -23.65 0.17 35.95
C ARG H 102 -23.79 0.01 37.47
N THR H 103 -24.97 0.29 38.01
CA THR H 103 -25.15 0.12 39.46
C THR H 103 -24.95 -1.35 39.82
N GLY H 104 -24.57 -1.59 41.07
CA GLY H 104 -24.36 -2.95 41.51
C GLY H 104 -22.91 -3.41 41.35
N LEU H 105 -22.11 -2.62 40.66
CA LEU H 105 -20.70 -2.98 40.48
C LEU H 105 -19.86 -2.59 41.69
N LYS H 106 -19.23 -3.59 42.29
CA LYS H 106 -18.40 -3.37 43.46
C LYS H 106 -16.92 -3.46 43.11
N ALA H 107 -16.09 -2.70 43.83
CA ALA H 107 -14.66 -2.70 43.63
C ALA H 107 -14.08 -4.10 43.83
N VAL H 108 -14.58 -4.80 44.85
CA VAL H 108 -14.13 -6.14 45.17
C VAL H 108 -14.25 -7.05 43.95
N TYR H 109 -15.25 -6.82 43.12
CA TYR H 109 -15.45 -7.63 41.92
C TYR H 109 -14.26 -7.48 40.96
N PHE H 110 -13.61 -6.30 40.98
CA PHE H 110 -12.45 -6.09 40.14
C PHE H 110 -11.22 -6.78 40.72
N ASP H 111 -11.14 -6.83 42.05
CA ASP H 111 -10.03 -7.51 42.70
C ASP H 111 -10.14 -9.01 42.38
N ALA H 112 -11.38 -9.49 42.31
CA ALA H 112 -11.68 -10.88 42.01
C ALA H 112 -11.20 -11.20 40.60
N MET H 113 -11.58 -10.34 39.66
CA MET H 113 -11.20 -10.49 38.26
C MET H 113 -9.67 -10.59 38.17
N GLY H 114 -8.99 -9.86 39.05
CA GLY H 114 -7.54 -9.90 39.05
C GLY H 114 -7.06 -11.29 39.41
N LYS H 115 -7.64 -11.89 40.46
CA LYS H 115 -7.25 -13.23 40.88
C LYS H 115 -7.55 -14.23 39.77
N VAL H 116 -8.67 -14.01 39.07
CA VAL H 116 -9.04 -14.90 37.98
C VAL H 116 -8.00 -14.82 36.88
N LEU H 117 -7.56 -13.60 36.56
CA LEU H 117 -6.55 -13.45 35.52
C LEU H 117 -5.23 -14.09 35.94
N MET H 118 -4.88 -13.94 37.20
CA MET H 118 -3.63 -14.52 37.71
C MET H 118 -3.73 -16.05 37.84
N THR H 119 -4.94 -16.58 37.83
CA THR H 119 -5.16 -18.02 37.95
C THR H 119 -5.29 -18.67 36.58
N VAL H 120 -6.02 -18.00 35.70
CA VAL H 120 -6.27 -18.50 34.36
C VAL H 120 -5.13 -18.34 33.38
N LEU H 121 -4.50 -17.16 33.35
CA LEU H 121 -3.38 -16.91 32.43
C LEU H 121 -2.21 -17.90 32.45
N PRO H 122 -1.63 -18.16 33.63
CA PRO H 122 -0.51 -19.11 33.61
C PRO H 122 -0.79 -20.38 32.77
N SER H 123 -2.03 -20.88 32.84
CA SER H 123 -2.40 -22.06 32.06
C SER H 123 -2.31 -21.81 30.56
N LEU H 124 -2.36 -20.55 30.14
CA LEU H 124 -2.30 -20.20 28.73
C LEU H 124 -0.96 -19.68 28.22
N ILE H 125 -0.18 -19.04 29.10
CA ILE H 125 1.09 -18.45 28.71
C ILE H 125 2.37 -19.23 29.06
N ASP H 126 3.37 -19.10 28.19
CA ASP H 126 4.66 -19.74 28.36
C ASP H 126 5.49 -18.96 29.38
N ASN H 127 5.88 -19.64 30.45
CA ASN H 127 6.67 -19.02 31.50
C ASN H 127 6.07 -17.74 32.04
N PHE H 128 4.80 -17.82 32.36
CA PHE H 128 4.06 -16.71 32.92
C PHE H 128 4.85 -16.12 34.09
N ASN H 129 5.03 -14.80 34.08
CA ASN H 129 5.76 -14.09 35.15
C ASN H 129 4.70 -13.45 36.01
N PRO H 130 4.42 -14.03 37.19
CA PRO H 130 3.41 -13.48 38.10
C PRO H 130 3.75 -12.15 38.74
N ASP H 131 5.04 -11.82 38.85
CA ASP H 131 5.42 -10.56 39.48
C ASP H 131 5.27 -9.37 38.55
N ALA H 132 5.76 -9.53 37.32
CA ALA H 132 5.68 -8.48 36.32
C ALA H 132 4.19 -8.24 36.01
N TRP H 133 3.41 -9.32 36.02
CA TRP H 133 1.97 -9.19 35.74
C TRP H 133 1.26 -8.50 36.90
N ARG H 134 1.52 -8.98 38.11
CA ARG H 134 0.92 -8.40 39.30
C ARG H 134 1.29 -6.91 39.35
N ASN H 135 2.53 -6.59 38.99
CA ASN H 135 2.99 -5.21 39.00
C ASN H 135 2.32 -4.33 37.94
N CYS H 136 1.89 -4.93 36.85
CA CYS H 136 1.23 -4.20 35.77
C CYS H 136 -0.29 -4.28 35.83
N LEU H 137 -0.81 -5.45 36.19
CA LEU H 137 -2.26 -5.63 36.28
C LEU H 137 -2.93 -4.83 37.40
N LEU H 138 -2.37 -4.88 38.60
CA LEU H 138 -2.96 -4.15 39.72
C LEU H 138 -3.26 -2.67 39.44
N PRO H 139 -2.26 -1.90 39.00
CA PRO H 139 -2.46 -0.47 38.71
C PRO H 139 -3.50 -0.27 37.62
N LEU H 140 -3.52 -1.19 36.66
CA LEU H 140 -4.46 -1.14 35.56
C LEU H 140 -5.86 -1.39 36.09
N LYS H 141 -6.00 -2.46 36.86
CA LYS H 141 -7.28 -2.83 37.44
C LYS H 141 -7.77 -1.71 38.36
N ASN H 142 -6.85 -1.05 39.06
CA ASN H 142 -7.25 0.03 39.96
C ASN H 142 -7.75 1.24 39.21
N ALA H 143 -7.16 1.52 38.05
CA ALA H 143 -7.58 2.68 37.27
C ALA H 143 -8.98 2.47 36.71
N ILE H 144 -9.30 1.23 36.34
CA ILE H 144 -10.61 0.88 35.80
C ILE H 144 -11.69 0.73 36.87
N ALA H 145 -11.26 0.51 38.10
CA ALA H 145 -12.19 0.34 39.21
C ALA H 145 -12.23 1.59 40.08
N LYS H 146 -11.78 2.71 39.51
CA LYS H 146 -11.76 3.97 40.24
C LYS H 146 -13.18 4.51 40.30
N GLY H 147 -13.65 4.85 41.49
CA GLY H 147 -14.99 5.38 41.60
C GLY H 147 -16.05 4.34 41.94
N LEU H 148 -15.64 3.08 42.05
CA LEU H 148 -16.58 2.01 42.39
C LEU H 148 -16.58 1.85 43.90
N PRO H 149 -17.74 1.54 44.48
CA PRO H 149 -17.90 1.35 45.93
C PRO H 149 -17.25 0.05 46.40
#